data_9KXB
#
_entry.id   9KXB
#
_cell.length_a   184.946
_cell.length_b   66.754
_cell.length_c   100.169
_cell.angle_alpha   90.000
_cell.angle_beta   101.729
_cell.angle_gamma   90.000
#
_symmetry.space_group_name_H-M   'C 1 2 1'
#
loop_
_entity.id
_entity.type
_entity.pdbx_description
1 polymer 'Tryptophan--tRNA ligase'
2 non-polymer '(6~{R})-5,5-dimethyl-7-thia-2-azatricyclo[6.3.1.0^{4,12}]dodeca-1(12),3,8,10-tetraene-6-carboxylic acid'
3 water water
#
_entity_poly.entity_id   1
_entity_poly.type   'polypeptide(L)'
_entity_poly.pdbx_seq_one_letter_code
;METLFSGIQPSGIPTIGNYIGALKQFVDVQNDYDCYFCIVDQHAITMPQDRLKLRKQTRQLAAIYLASGIDPDKATLFIQ
SEVPAHVQAGWMLTTIASVGELERMTQYKDKAQKAVEGIPAGLLTYPPLMAADIVLYNTNIVPVGDDQKQHIELTRNLVD
RFNSRYNDVLVKPEIRMPKVGGRVMSLQDPTRKMSKSDDNAKNFISLLDEPNVAAKKIKSAVTDSDGIIKFDRDNKPGIT
NLISIYAGLTDMPIKDIEAKYEGEGYGKFKGDLAEIVKAFLVEFQEKYESFYNSDKLDDILDQGRDKAHKVSFKTVKKME
KAMGLGRKRHHHHHH
;
_entity_poly.pdbx_strand_id   A,B,C
#
# COMPACT_ATOMS: atom_id res chain seq x y z
N MET A 1 4.21 5.57 -38.49
CA MET A 1 4.58 4.74 -37.35
C MET A 1 5.21 5.60 -36.27
N GLU A 2 4.78 5.44 -35.02
CA GLU A 2 5.31 6.24 -33.93
C GLU A 2 6.66 5.71 -33.46
N THR A 3 7.55 6.62 -33.07
CA THR A 3 8.84 6.27 -32.49
C THR A 3 8.78 6.24 -30.96
N LEU A 4 9.27 5.14 -30.39
CA LEU A 4 9.41 4.97 -28.95
C LEU A 4 10.89 4.97 -28.53
N PHE A 5 11.19 5.63 -27.41
CA PHE A 5 12.56 5.69 -26.89
C PHE A 5 12.58 5.31 -25.42
N SER A 6 13.41 4.33 -25.07
CA SER A 6 13.55 3.91 -23.70
C SER A 6 15.02 3.92 -23.27
N GLY A 7 15.31 4.62 -22.16
CA GLY A 7 16.64 4.62 -21.57
C GLY A 7 16.77 3.50 -20.56
N ILE A 8 17.95 2.85 -20.55
CA ILE A 8 18.25 1.70 -19.69
C ILE A 8 19.51 1.98 -18.84
N GLN A 9 19.35 1.98 -17.53
CA GLN A 9 20.47 2.27 -16.65
C GLN A 9 21.33 1.02 -16.47
N PRO A 10 22.62 1.05 -16.84
CA PRO A 10 23.47 -0.11 -16.51
C PRO A 10 23.95 -0.08 -15.07
N SER A 11 23.04 -0.35 -14.15
CA SER A 11 23.38 -0.25 -12.74
C SER A 11 22.77 -1.37 -11.92
N GLY A 12 22.41 -2.48 -12.55
CA GLY A 12 21.70 -3.53 -11.86
C GLY A 12 20.94 -4.40 -12.83
N ILE A 13 20.81 -5.67 -12.47
CA ILE A 13 20.12 -6.68 -13.28
C ILE A 13 18.61 -6.46 -13.16
N PRO A 14 17.87 -6.49 -14.27
CA PRO A 14 16.40 -6.48 -14.15
C PRO A 14 15.90 -7.72 -13.42
N THR A 15 14.78 -7.57 -12.72
CA THR A 15 14.03 -8.63 -12.08
C THR A 15 12.95 -9.18 -12.99
N ILE A 16 12.31 -10.26 -12.53
CA ILE A 16 11.21 -10.83 -13.27
C ILE A 16 10.02 -9.87 -13.27
N GLY A 17 9.88 -9.05 -12.24
CA GLY A 17 8.91 -7.97 -12.29
C GLY A 17 9.16 -7.01 -13.45
N ASN A 18 10.43 -6.64 -13.67
CA ASN A 18 10.75 -5.80 -14.82
C ASN A 18 10.51 -6.54 -16.14
N TYR A 19 10.65 -7.88 -16.13
CA TYR A 19 10.43 -8.62 -17.37
C TYR A 19 8.94 -8.69 -17.71
N ILE A 20 8.11 -8.95 -16.70
CA ILE A 20 6.67 -9.03 -16.93
C ILE A 20 6.08 -7.64 -17.19
N GLY A 21 6.54 -6.65 -16.43
CA GLY A 21 5.98 -5.30 -16.57
C GLY A 21 6.29 -4.67 -17.92
N ALA A 22 7.55 -4.74 -18.36
CA ALA A 22 7.99 -4.03 -19.56
C ALA A 22 8.63 -4.92 -20.62
N LEU A 23 9.69 -5.66 -20.27
CA LEU A 23 10.57 -6.24 -21.29
C LEU A 23 9.81 -7.16 -22.22
N LYS A 24 8.99 -8.05 -21.66
CA LYS A 24 8.20 -8.96 -22.49
C LYS A 24 7.20 -8.21 -23.38
N GLN A 25 6.72 -7.05 -22.93
CA GLN A 25 5.82 -6.24 -23.76
C GLN A 25 6.58 -5.60 -24.93
N PHE A 26 7.85 -5.21 -24.71
CA PHE A 26 8.67 -4.64 -25.78
C PHE A 26 8.91 -5.65 -26.89
N VAL A 27 8.99 -6.93 -26.55
CA VAL A 27 9.19 -7.96 -27.57
C VAL A 27 8.03 -7.96 -28.56
N ASP A 28 6.85 -7.51 -28.12
CA ASP A 28 5.68 -7.42 -29.00
C ASP A 28 5.56 -6.07 -29.70
N VAL A 29 5.72 -4.96 -28.96
CA VAL A 29 5.49 -3.66 -29.56
C VAL A 29 6.61 -3.21 -30.48
N GLN A 30 7.75 -3.92 -30.48
CA GLN A 30 8.79 -3.59 -31.45
C GLN A 30 8.36 -3.92 -32.88
N ASN A 31 7.27 -4.67 -33.06
CA ASN A 31 6.74 -4.85 -34.42
C ASN A 31 5.88 -3.67 -34.87
N ASP A 32 5.26 -2.95 -33.93
CA ASP A 32 4.28 -1.92 -34.24
C ASP A 32 4.77 -0.51 -34.01
N TYR A 33 5.94 -0.35 -33.39
CA TYR A 33 6.53 0.95 -33.09
C TYR A 33 8.01 0.90 -33.48
N ASP A 34 8.56 2.06 -33.84
CA ASP A 34 9.98 2.17 -34.14
C ASP A 34 10.75 2.41 -32.84
N CYS A 35 11.36 1.36 -32.28
CA CYS A 35 11.83 1.38 -30.90
C CYS A 35 13.33 1.60 -30.79
N TYR A 36 13.70 2.43 -29.82
CA TYR A 36 15.09 2.67 -29.47
C TYR A 36 15.31 2.28 -28.02
N PHE A 37 16.33 1.44 -27.79
CA PHE A 37 16.68 0.97 -26.45
C PHE A 37 18.13 1.34 -26.22
N CYS A 38 18.35 2.32 -25.34
CA CYS A 38 19.63 2.99 -25.20
C CYS A 38 20.18 2.71 -23.80
N ILE A 39 21.33 2.06 -23.73
CA ILE A 39 21.98 1.78 -22.46
C ILE A 39 22.76 3.04 -22.11
N VAL A 40 22.32 3.72 -21.05
CA VAL A 40 22.79 5.10 -20.80
C VAL A 40 24.00 5.10 -19.87
N ASP A 41 25.19 4.78 -20.39
CA ASP A 41 26.38 4.75 -19.54
C ASP A 41 26.83 6.15 -19.12
N GLN A 42 26.59 7.17 -19.95
CA GLN A 42 26.91 8.53 -19.59
C GLN A 42 26.04 9.08 -18.45
N HIS A 43 24.81 8.56 -18.28
CA HIS A 43 24.02 8.90 -17.09
C HIS A 43 24.48 8.13 -15.87
N ALA A 44 24.96 6.89 -16.05
CA ALA A 44 25.40 6.09 -14.93
C ALA A 44 26.53 6.78 -14.16
N ILE A 45 27.47 7.41 -14.89
CA ILE A 45 28.60 8.00 -14.17
C ILE A 45 28.24 9.32 -13.49
N THR A 46 26.96 9.77 -13.51
CA THR A 46 26.64 10.91 -12.66
C THR A 46 26.67 10.52 -11.19
N MET A 47 26.54 9.24 -10.90
CA MET A 47 26.67 8.60 -9.61
C MET A 47 28.01 7.89 -9.55
N PRO A 48 28.55 7.65 -8.35
CA PRO A 48 29.87 6.99 -8.26
C PRO A 48 29.81 5.56 -8.82
N GLN A 49 30.81 5.20 -9.63
CA GLN A 49 30.85 3.88 -10.23
C GLN A 49 32.24 3.28 -10.15
N ASP A 50 32.30 2.01 -9.77
CA ASP A 50 33.46 1.20 -10.08
C ASP A 50 33.55 1.02 -11.60
N ARG A 51 34.66 1.45 -12.19
CA ARG A 51 34.76 1.47 -13.64
C ARG A 51 34.71 0.07 -14.26
N LEU A 52 35.22 -0.96 -13.57
CA LEU A 52 35.08 -2.30 -14.13
C LEU A 52 33.67 -2.83 -13.99
N LYS A 53 33.04 -2.58 -12.85
CA LYS A 53 31.64 -2.98 -12.67
C LYS A 53 30.78 -2.36 -13.78
N LEU A 54 31.10 -1.13 -14.18
CA LEU A 54 30.25 -0.43 -15.15
C LEU A 54 30.35 -1.06 -16.53
N ARG A 55 31.56 -1.37 -16.99
CA ARG A 55 31.67 -1.96 -18.32
C ARG A 55 31.05 -3.36 -18.36
N LYS A 56 31.19 -4.12 -17.28
CA LYS A 56 30.56 -5.43 -17.20
C LYS A 56 29.05 -5.31 -17.26
N GLN A 57 28.49 -4.39 -16.46
CA GLN A 57 27.05 -4.25 -16.36
C GLN A 57 26.44 -3.82 -17.70
N THR A 58 27.14 -2.98 -18.46
CA THR A 58 26.68 -2.58 -19.79
C THR A 58 26.52 -3.79 -20.70
N ARG A 59 27.55 -4.64 -20.75
CA ARG A 59 27.44 -5.85 -21.55
C ARG A 59 26.29 -6.72 -21.07
N GLN A 60 26.11 -6.81 -19.76
CA GLN A 60 25.07 -7.70 -19.21
C GLN A 60 23.67 -7.20 -19.64
N LEU A 61 23.44 -5.90 -19.55
CA LEU A 61 22.14 -5.37 -19.95
C LEU A 61 21.89 -5.67 -21.40
N ALA A 62 22.89 -5.47 -22.26
CA ALA A 62 22.68 -5.73 -23.68
C ALA A 62 22.34 -7.20 -23.91
N ALA A 63 23.05 -8.11 -23.24
CA ALA A 63 22.72 -9.52 -23.41
C ALA A 63 21.35 -9.88 -22.82
N ILE A 64 20.90 -9.18 -21.78
CA ILE A 64 19.60 -9.47 -21.17
C ILE A 64 18.45 -9.03 -22.08
N TYR A 65 18.60 -7.87 -22.70
CA TYR A 65 17.59 -7.43 -23.67
C TYR A 65 17.55 -8.35 -24.88
N LEU A 66 18.70 -8.79 -25.36
CA LEU A 66 18.68 -9.71 -26.49
C LEU A 66 18.10 -11.06 -26.08
N ALA A 67 18.42 -11.54 -24.89
CA ALA A 67 17.82 -12.79 -24.43
C ALA A 67 16.32 -12.68 -24.24
N SER A 68 15.80 -11.46 -23.98
CA SER A 68 14.36 -11.30 -23.83
C SER A 68 13.63 -11.39 -25.16
N GLY A 69 14.32 -11.18 -26.27
CA GLY A 69 13.69 -11.15 -27.57
C GLY A 69 13.66 -9.79 -28.22
N ILE A 70 14.32 -8.79 -27.65
CA ILE A 70 14.54 -7.54 -28.36
C ILE A 70 15.36 -7.85 -29.62
N ASP A 71 14.79 -7.57 -30.78
CA ASP A 71 15.37 -7.97 -32.06
C ASP A 71 16.18 -6.83 -32.64
N PRO A 72 17.50 -7.00 -32.86
CA PRO A 72 18.32 -5.85 -33.32
C PRO A 72 18.01 -5.38 -34.74
N ASP A 73 17.20 -6.11 -35.50
CA ASP A 73 16.75 -5.60 -36.79
C ASP A 73 15.43 -4.87 -36.68
N LYS A 74 14.53 -5.34 -35.80
CA LYS A 74 13.27 -4.63 -35.62
C LYS A 74 13.47 -3.34 -34.85
N ALA A 75 14.38 -3.33 -33.88
CA ALA A 75 14.58 -2.22 -32.95
C ALA A 75 16.04 -1.79 -32.97
N THR A 76 16.35 -0.68 -32.29
CA THR A 76 17.72 -0.18 -32.24
C THR A 76 18.22 -0.24 -30.80
N LEU A 77 19.18 -1.13 -30.54
CA LEU A 77 19.73 -1.36 -29.22
C LEU A 77 21.20 -0.91 -29.23
N PHE A 78 21.54 0.07 -28.38
CA PHE A 78 22.85 0.68 -28.50
C PHE A 78 23.27 1.30 -27.17
N ILE A 79 24.57 1.63 -27.10
CA ILE A 79 25.19 2.21 -25.93
C ILE A 79 25.31 3.72 -26.13
N GLN A 80 24.79 4.48 -25.18
CA GLN A 80 24.72 5.94 -25.31
C GLN A 80 26.08 6.58 -25.63
N SER A 81 27.16 6.24 -24.90
CA SER A 81 28.43 6.94 -25.11
C SER A 81 29.02 6.73 -26.51
N GLU A 82 28.58 5.72 -27.26
CA GLU A 82 29.11 5.47 -28.61
C GLU A 82 28.47 6.33 -29.69
N VAL A 83 27.53 7.19 -29.34
CA VAL A 83 26.82 8.05 -30.28
C VAL A 83 27.01 9.50 -29.83
N PRO A 84 27.96 10.22 -30.44
CA PRO A 84 28.34 11.56 -29.93
C PRO A 84 27.22 12.56 -29.87
N ALA A 85 26.17 12.36 -30.69
CA ALA A 85 25.06 13.30 -30.74
C ALA A 85 24.44 13.56 -29.38
N HIS A 86 24.44 12.56 -28.50
CA HIS A 86 23.79 12.73 -27.21
C HIS A 86 24.44 13.84 -26.38
N VAL A 87 25.78 13.87 -26.28
CA VAL A 87 26.36 14.98 -25.51
C VAL A 87 26.41 16.27 -26.34
N GLN A 88 26.43 16.18 -27.67
CA GLN A 88 26.36 17.41 -28.47
C GLN A 88 25.04 18.13 -28.29
N ALA A 89 23.93 17.40 -28.33
CA ALA A 89 22.62 18.03 -28.17
C ALA A 89 22.31 18.26 -26.69
N GLY A 90 22.92 17.45 -25.81
CA GLY A 90 22.84 17.74 -24.37
C GLY A 90 23.45 19.08 -24.01
N TRP A 91 24.54 19.46 -24.68
CA TRP A 91 25.14 20.75 -24.40
C TRP A 91 24.28 21.87 -24.97
N MET A 92 23.80 21.74 -26.21
CA MET A 92 22.91 22.76 -26.78
C MET A 92 21.70 23.02 -25.87
N LEU A 93 21.05 21.95 -25.39
CA LEU A 93 19.87 22.20 -24.57
C LEU A 93 20.24 22.80 -23.23
N THR A 94 21.40 22.43 -22.66
CA THR A 94 21.83 23.00 -21.39
C THR A 94 21.92 24.51 -21.48
N THR A 95 22.36 25.05 -22.62
CA THR A 95 22.52 26.50 -22.70
C THR A 95 21.18 27.23 -22.68
N ILE A 96 20.07 26.54 -22.95
CA ILE A 96 18.78 27.21 -22.91
C ILE A 96 17.98 26.87 -21.65
N ALA A 97 18.41 25.88 -20.88
CA ALA A 97 17.83 25.69 -19.56
C ALA A 97 18.24 26.83 -18.64
N SER A 98 17.54 26.95 -17.52
CA SER A 98 17.93 27.87 -16.47
C SER A 98 18.45 27.08 -15.27
N VAL A 99 19.34 27.72 -14.49
CA VAL A 99 19.85 27.08 -13.27
C VAL A 99 18.71 26.77 -12.31
N GLY A 100 17.83 27.75 -12.08
CA GLY A 100 16.69 27.51 -11.20
C GLY A 100 15.86 26.32 -11.64
N GLU A 101 15.59 26.24 -12.95
CA GLU A 101 14.90 25.06 -13.48
C GLU A 101 15.59 23.79 -13.05
N LEU A 102 16.92 23.74 -13.25
CA LEU A 102 17.65 22.52 -12.95
C LEU A 102 17.64 22.22 -11.46
N GLU A 103 17.80 23.24 -10.61
CA GLU A 103 17.82 23.00 -9.17
C GLU A 103 16.49 22.44 -8.71
N ARG A 104 15.38 22.90 -9.30
CA ARG A 104 14.07 22.38 -8.94
C ARG A 104 13.89 20.92 -9.32
N MET A 105 14.57 20.47 -10.40
CA MET A 105 14.53 19.05 -10.75
C MET A 105 15.12 18.21 -9.63
N THR A 106 16.21 18.69 -9.04
CA THR A 106 16.89 17.98 -7.96
C THR A 106 15.96 17.67 -6.80
N GLN A 107 14.98 18.55 -6.56
CA GLN A 107 14.15 18.44 -5.36
C GLN A 107 13.07 17.37 -5.52
N TYR A 108 12.26 17.48 -6.57
CA TYR A 108 11.21 16.51 -6.89
C TYR A 108 11.72 15.06 -6.89
N GLU A 117 32.94 15.67 -0.28
CA GLU A 117 33.51 16.57 -1.28
C GLU A 117 32.47 17.59 -1.79
N GLY A 118 31.20 17.26 -1.66
CA GLY A 118 30.12 18.08 -2.20
C GLY A 118 29.38 17.36 -3.31
N ILE A 119 28.27 17.98 -3.72
CA ILE A 119 27.28 17.33 -4.59
C ILE A 119 27.71 17.30 -6.05
N PRO A 120 27.92 16.12 -6.63
CA PRO A 120 28.49 16.03 -7.97
C PRO A 120 27.67 16.83 -8.96
N ALA A 121 28.37 17.58 -9.81
CA ALA A 121 27.69 18.44 -10.76
C ALA A 121 26.85 17.67 -11.76
N GLY A 122 27.19 16.40 -12.03
CA GLY A 122 26.37 15.61 -12.96
C GLY A 122 24.94 15.45 -12.49
N LEU A 123 24.73 15.42 -11.16
CA LEU A 123 23.38 15.24 -10.64
C LEU A 123 22.52 16.46 -10.87
N LEU A 124 23.11 17.63 -11.06
CA LEU A 124 22.31 18.80 -11.40
C LEU A 124 22.06 18.91 -12.89
N THR A 125 23.00 18.48 -13.72
CA THR A 125 22.95 18.78 -15.15
C THR A 125 22.62 17.61 -16.04
N TYR A 126 22.30 16.46 -15.51
CA TYR A 126 21.88 15.41 -16.42
C TYR A 126 20.51 15.60 -17.12
N PRO A 127 19.53 16.32 -16.55
CA PRO A 127 18.16 16.34 -17.20
C PRO A 127 18.21 16.82 -18.64
N PRO A 128 18.97 17.85 -19.00
CA PRO A 128 19.05 18.20 -20.43
C PRO A 128 19.68 17.12 -21.29
N LEU A 129 20.59 16.31 -20.73
CA LEU A 129 21.12 15.17 -21.49
C LEU A 129 20.05 14.10 -21.68
N MET A 130 19.15 13.96 -20.70
CA MET A 130 18.02 13.06 -20.86
C MET A 130 17.09 13.55 -21.96
N ALA A 131 16.77 14.85 -21.95
CA ALA A 131 15.99 15.46 -23.01
C ALA A 131 16.61 15.19 -24.39
N ALA A 132 17.93 15.34 -24.51
CA ALA A 132 18.62 15.11 -25.78
C ALA A 132 18.50 13.66 -26.21
N ASP A 133 18.65 12.72 -25.26
CA ASP A 133 18.52 11.30 -25.59
C ASP A 133 17.24 11.09 -26.37
N ILE A 134 16.16 11.76 -25.95
CA ILE A 134 14.82 11.50 -26.47
C ILE A 134 14.60 12.22 -27.79
N VAL A 135 14.85 13.53 -27.83
CA VAL A 135 14.46 14.30 -29.02
C VAL A 135 15.35 14.02 -30.23
N LEU A 136 16.59 13.52 -30.03
CA LEU A 136 17.46 13.25 -31.18
C LEU A 136 16.79 12.34 -32.19
N TYR A 137 15.90 11.47 -31.73
CA TYR A 137 15.29 10.46 -32.58
C TYR A 137 13.83 10.79 -32.93
N ASN A 138 13.43 12.06 -32.76
CA ASN A 138 12.07 12.50 -33.09
C ASN A 138 11.04 11.65 -32.36
N THR A 139 11.33 11.33 -31.10
CA THR A 139 10.51 10.37 -30.38
C THR A 139 9.11 10.88 -30.15
N ASN A 140 8.13 10.00 -30.34
CA ASN A 140 6.77 10.35 -29.96
C ASN A 140 6.42 9.89 -28.55
N ILE A 141 6.83 8.69 -28.13
CA ILE A 141 6.46 8.20 -26.81
C ILE A 141 7.67 7.69 -26.02
N VAL A 142 7.60 7.86 -24.71
CA VAL A 142 8.59 7.36 -23.76
C VAL A 142 7.85 6.50 -22.74
N PRO A 143 8.22 5.23 -22.57
CA PRO A 143 7.50 4.30 -21.66
C PRO A 143 7.97 4.38 -20.21
N VAL A 144 7.74 5.53 -19.56
CA VAL A 144 8.17 5.68 -18.16
C VAL A 144 6.98 5.94 -17.25
N GLY A 145 7.26 6.15 -15.97
CA GLY A 145 6.22 6.26 -14.98
C GLY A 145 6.17 7.60 -14.25
N ASP A 146 5.44 7.61 -13.14
CA ASP A 146 5.16 8.85 -12.40
C ASP A 146 6.43 9.59 -12.04
N ASP A 147 7.46 8.89 -11.62
CA ASP A 147 8.56 9.69 -11.11
C ASP A 147 9.42 10.28 -12.23
N GLN A 148 9.05 10.10 -13.50
CA GLN A 148 9.73 10.80 -14.58
C GLN A 148 8.93 11.96 -15.14
N LYS A 149 7.77 12.29 -14.55
CA LYS A 149 6.88 13.30 -15.10
C LYS A 149 7.59 14.64 -15.23
N GLN A 150 8.35 15.02 -14.21
CA GLN A 150 8.99 16.31 -14.27
C GLN A 150 10.09 16.32 -15.31
N HIS A 151 10.75 15.18 -15.53
CA HIS A 151 11.79 15.09 -16.56
C HIS A 151 11.21 15.22 -17.96
N ILE A 152 10.06 14.59 -18.22
CA ILE A 152 9.46 14.75 -19.53
C ILE A 152 8.89 16.15 -19.66
N GLU A 153 8.37 16.71 -18.56
CA GLU A 153 7.88 18.08 -18.65
C GLU A 153 9.01 19.03 -19.01
N LEU A 154 10.20 18.86 -18.42
CA LEU A 154 11.35 19.66 -18.82
C LEU A 154 11.68 19.45 -20.28
N THR A 155 11.68 18.18 -20.73
CA THR A 155 11.93 17.89 -22.13
C THR A 155 10.99 18.66 -23.06
N ARG A 156 9.67 18.62 -22.75
CA ARG A 156 8.70 19.31 -23.58
C ARG A 156 8.92 20.81 -23.54
N ASN A 157 9.22 21.36 -22.36
CA ASN A 157 9.48 22.78 -22.27
C ASN A 157 10.74 23.18 -23.05
N LEU A 158 11.78 22.33 -23.04
CA LEU A 158 12.99 22.67 -23.80
C LEU A 158 12.71 22.63 -25.29
N VAL A 159 11.90 21.66 -25.74
CA VAL A 159 11.56 21.59 -27.16
C VAL A 159 10.83 22.85 -27.58
N ASP A 160 9.89 23.31 -26.75
CA ASP A 160 9.18 24.55 -27.04
C ASP A 160 10.14 25.73 -27.06
N ARG A 161 11.04 25.82 -26.07
CA ARG A 161 11.99 26.93 -26.05
C ARG A 161 12.89 26.93 -27.27
N PHE A 162 13.37 25.74 -27.68
CA PHE A 162 14.26 25.71 -28.83
C PHE A 162 13.51 26.11 -30.10
N ASN A 163 12.36 25.48 -30.34
CA ASN A 163 11.59 25.79 -31.54
C ASN A 163 11.16 27.25 -31.56
N SER A 164 10.89 27.84 -30.39
CA SER A 164 10.41 29.22 -30.34
C SER A 164 11.54 30.20 -30.61
N ARG A 165 12.71 29.97 -30.03
CA ARG A 165 13.83 30.95 -30.14
C ARG A 165 14.60 30.82 -31.45
N TYR A 166 14.72 29.61 -31.99
CA TYR A 166 15.49 29.40 -33.24
C TYR A 166 14.50 29.14 -34.36
N ASN A 167 14.12 27.88 -34.56
CA ASN A 167 13.12 27.52 -35.56
C ASN A 167 12.75 26.07 -35.30
N ASP A 168 11.67 25.64 -35.96
CA ASP A 168 11.12 24.30 -35.71
C ASP A 168 12.13 23.25 -36.14
N VAL A 169 12.69 22.55 -35.15
CA VAL A 169 13.56 21.41 -35.36
C VAL A 169 13.04 20.18 -34.61
N LEU A 170 12.61 20.34 -33.36
CA LEU A 170 12.41 19.21 -32.47
C LEU A 170 10.93 18.92 -32.26
N VAL A 171 10.68 17.68 -31.82
CA VAL A 171 9.35 17.11 -31.59
C VAL A 171 9.15 16.87 -30.10
N LYS A 172 7.95 17.19 -29.60
CA LYS A 172 7.59 17.00 -28.19
C LYS A 172 7.15 15.55 -27.93
N PRO A 173 7.70 14.88 -26.91
CA PRO A 173 7.27 13.49 -26.65
C PRO A 173 6.19 13.40 -25.59
N GLU A 174 5.58 12.22 -25.45
CA GLU A 174 4.52 11.95 -24.48
C GLU A 174 4.91 10.71 -23.68
N ILE A 175 4.42 10.63 -22.45
CA ILE A 175 4.66 9.45 -21.63
C ILE A 175 3.61 8.41 -22.02
N ARG A 176 4.04 7.32 -22.64
CA ARG A 176 3.08 6.27 -23.00
C ARG A 176 3.80 4.93 -23.15
N MET A 177 3.30 3.93 -22.45
CA MET A 177 3.72 2.57 -22.66
C MET A 177 2.66 1.86 -23.48
N PRO A 178 2.96 1.39 -24.69
CA PRO A 178 1.87 0.94 -25.57
C PRO A 178 1.06 -0.24 -25.05
N LYS A 179 1.69 -1.19 -24.36
CA LYS A 179 0.96 -2.34 -23.82
C LYS A 179 1.45 -2.56 -22.40
N VAL A 180 0.66 -2.10 -21.43
CA VAL A 180 1.04 -2.21 -20.03
C VAL A 180 1.01 -3.68 -19.63
N GLY A 181 2.12 -4.17 -19.04
CA GLY A 181 2.17 -5.49 -18.45
C GLY A 181 1.65 -5.50 -17.01
N GLY A 182 1.66 -6.69 -16.42
CA GLY A 182 1.26 -6.82 -15.02
C GLY A 182 2.21 -6.07 -14.10
N ARG A 183 1.70 -5.70 -12.91
CA ARG A 183 2.53 -5.10 -11.88
C ARG A 183 2.91 -6.19 -10.88
N VAL A 184 4.20 -6.42 -10.73
CA VAL A 184 4.69 -7.49 -9.85
C VAL A 184 5.19 -6.86 -8.57
N MET A 185 4.76 -7.40 -7.44
CA MET A 185 5.08 -6.82 -6.14
C MET A 185 6.19 -7.62 -5.46
N SER A 186 6.78 -7.02 -4.44
CA SER A 186 7.76 -7.71 -3.59
C SER A 186 7.18 -8.97 -2.96
N LEU A 187 7.96 -10.05 -3.02
CA LEU A 187 7.45 -11.37 -2.64
C LEU A 187 7.18 -11.48 -1.14
N GLN A 188 7.87 -10.69 -0.33
CA GLN A 188 7.66 -10.71 1.11
C GLN A 188 7.20 -9.35 1.63
N ASP A 189 6.77 -8.47 0.72
CA ASP A 189 6.08 -7.21 1.07
C ASP A 189 5.10 -6.87 -0.04
N PRO A 190 3.97 -7.60 -0.11
CA PRO A 190 3.08 -7.51 -1.29
C PRO A 190 2.53 -6.12 -1.61
N THR A 191 2.63 -5.16 -0.69
CA THR A 191 2.15 -3.81 -0.97
C THR A 191 3.17 -2.94 -1.68
N ARG A 192 4.44 -3.35 -1.72
CA ARG A 192 5.52 -2.59 -2.36
C ARG A 192 5.87 -3.24 -3.69
N LYS A 193 6.24 -2.42 -4.69
CA LYS A 193 6.68 -2.97 -5.96
C LYS A 193 8.00 -3.72 -5.79
N MET A 194 8.20 -4.70 -6.66
CA MET A 194 9.44 -5.47 -6.65
C MET A 194 10.60 -4.60 -7.15
N SER A 195 11.75 -4.67 -6.47
CA SER A 195 12.90 -3.86 -6.86
C SER A 195 14.19 -4.68 -6.86
N LYS A 196 15.06 -4.45 -7.85
CA LYS A 196 16.32 -5.19 -7.91
C LYS A 196 17.27 -4.89 -6.76
N SER A 197 17.06 -3.78 -6.03
CA SER A 197 18.03 -3.36 -5.03
C SER A 197 17.49 -3.47 -3.60
N ASP A 198 16.56 -4.39 -3.38
CA ASP A 198 16.05 -4.62 -2.02
C ASP A 198 17.15 -5.12 -1.09
N ASP A 199 17.15 -4.64 0.16
CA ASP A 199 18.02 -5.23 1.16
C ASP A 199 17.60 -6.65 1.54
N ASN A 200 16.34 -7.01 1.29
CA ASN A 200 15.84 -8.37 1.52
C ASN A 200 15.83 -9.07 0.16
N ALA A 201 16.86 -9.88 -0.09
CA ALA A 201 16.97 -10.56 -1.38
C ALA A 201 15.77 -11.47 -1.67
N LYS A 202 15.11 -12.00 -0.63
CA LYS A 202 13.92 -12.83 -0.86
C LYS A 202 12.75 -12.04 -1.45
N ASN A 203 12.82 -10.71 -1.47
CA ASN A 203 11.73 -9.90 -2.01
C ASN A 203 11.64 -9.94 -3.53
N PHE A 204 12.76 -10.19 -4.23
CA PHE A 204 12.77 -10.09 -5.68
C PHE A 204 13.34 -11.37 -6.28
N ILE A 205 12.99 -11.63 -7.53
CA ILE A 205 13.61 -12.69 -8.31
C ILE A 205 14.38 -12.03 -9.44
N SER A 206 15.70 -12.09 -9.37
CA SER A 206 16.55 -11.55 -10.43
C SER A 206 16.50 -12.45 -11.67
N LEU A 207 16.62 -11.83 -12.85
CA LEU A 207 16.67 -12.64 -14.07
C LEU A 207 17.94 -13.49 -14.12
N LEU A 208 18.93 -13.18 -13.29
CA LEU A 208 20.14 -13.98 -13.21
C LEU A 208 20.26 -14.73 -11.88
N ASP A 209 19.19 -14.80 -11.10
CA ASP A 209 19.21 -15.70 -9.94
C ASP A 209 19.38 -17.13 -10.45
N GLU A 210 20.08 -17.95 -9.67
CA GLU A 210 20.11 -19.37 -9.98
C GLU A 210 18.69 -19.92 -10.03
N PRO A 211 18.34 -20.74 -11.04
CA PRO A 211 16.95 -21.20 -11.14
C PRO A 211 16.47 -21.95 -9.92
N ASN A 212 17.37 -22.61 -9.20
CA ASN A 212 16.98 -23.24 -7.94
C ASN A 212 16.70 -22.22 -6.85
N VAL A 213 17.47 -21.14 -6.81
CA VAL A 213 17.25 -20.12 -5.79
C VAL A 213 15.91 -19.41 -6.02
N ALA A 214 15.54 -19.23 -7.29
CA ALA A 214 14.29 -18.54 -7.61
C ALA A 214 13.07 -19.34 -7.17
N ALA A 215 13.06 -20.65 -7.45
CA ALA A 215 11.94 -21.48 -7.03
C ALA A 215 11.76 -21.44 -5.52
N LYS A 216 12.87 -21.36 -4.78
CA LYS A 216 12.80 -21.22 -3.32
C LYS A 216 12.17 -19.89 -2.92
N LYS A 217 12.37 -18.83 -3.68
CA LYS A 217 11.75 -17.56 -3.34
C LYS A 217 10.25 -17.58 -3.63
N ILE A 218 9.80 -18.39 -4.58
CA ILE A 218 8.36 -18.55 -4.76
C ILE A 218 7.78 -19.20 -3.51
N LYS A 219 8.43 -20.25 -3.00
CA LYS A 219 7.96 -20.93 -1.80
C LYS A 219 8.01 -20.03 -0.57
N SER A 220 9.00 -19.14 -0.47
CA SER A 220 9.11 -18.30 0.72
C SER A 220 8.28 -17.03 0.62
N ALA A 221 7.55 -16.85 -0.49
CA ALA A 221 6.66 -15.70 -0.63
C ALA A 221 5.64 -15.68 0.51
N VAL A 222 5.35 -14.49 1.01
CA VAL A 222 4.52 -14.37 2.22
C VAL A 222 3.06 -14.44 1.80
N THR A 223 2.35 -15.50 2.23
CA THR A 223 0.92 -15.70 1.95
C THR A 223 0.27 -16.36 3.15
N ASP A 224 -1.05 -16.46 3.10
CA ASP A 224 -1.79 -17.30 4.03
C ASP A 224 -1.29 -18.74 3.93
N SER A 225 -1.58 -19.53 4.97
CA SER A 225 -1.19 -20.93 4.93
C SER A 225 -1.97 -21.71 3.87
N ASP A 226 -3.25 -21.37 3.67
CA ASP A 226 -4.01 -22.02 2.60
C ASP A 226 -5.13 -21.11 2.17
N GLY A 227 -5.71 -21.43 1.03
CA GLY A 227 -6.85 -20.69 0.54
C GLY A 227 -7.22 -21.12 -0.86
N ILE A 228 -8.12 -20.36 -1.42
CA ILE A 228 -8.59 -20.52 -2.79
C ILE A 228 -7.62 -19.82 -3.73
N ILE A 229 -7.43 -20.37 -4.93
CA ILE A 229 -6.70 -19.62 -5.95
C ILE A 229 -7.67 -18.66 -6.65
N LYS A 230 -7.81 -17.47 -6.08
CA LYS A 230 -8.68 -16.41 -6.58
C LYS A 230 -7.91 -15.10 -6.59
N PHE A 231 -8.14 -14.28 -7.61
CA PHE A 231 -7.49 -12.98 -7.73
C PHE A 231 -8.23 -11.95 -6.88
N ASP A 232 -7.58 -11.44 -5.82
CA ASP A 232 -8.25 -10.48 -4.93
C ASP A 232 -7.16 -9.65 -4.23
N ARG A 233 -6.86 -8.48 -4.79
CA ARG A 233 -5.70 -7.70 -4.33
C ARG A 233 -5.89 -7.16 -2.94
N ASP A 234 -7.09 -6.67 -2.62
CA ASP A 234 -7.26 -5.92 -1.38
C ASP A 234 -7.23 -6.83 -0.17
N ASN A 235 -7.65 -8.07 -0.33
CA ASN A 235 -7.76 -8.96 0.82
C ASN A 235 -6.66 -10.00 0.86
N LYS A 236 -6.18 -10.46 -0.29
CA LYS A 236 -5.12 -11.47 -0.37
C LYS A 236 -4.05 -11.01 -1.36
N PRO A 237 -3.33 -9.93 -1.05
CA PRO A 237 -2.29 -9.46 -1.98
C PRO A 237 -1.15 -10.46 -2.18
N GLY A 238 -0.93 -11.37 -1.24
CA GLY A 238 0.11 -12.38 -1.36
C GLY A 238 -0.14 -13.36 -2.48
N ILE A 239 -1.24 -14.10 -2.41
CA ILE A 239 -1.55 -15.08 -3.44
C ILE A 239 -1.86 -14.38 -4.77
N THR A 240 -2.46 -13.20 -4.70
CA THR A 240 -2.80 -12.48 -5.93
C THR A 240 -1.54 -12.11 -6.69
N ASN A 241 -0.50 -11.64 -5.98
CA ASN A 241 0.78 -11.33 -6.63
C ASN A 241 1.33 -12.56 -7.34
N LEU A 242 1.31 -13.71 -6.67
CA LEU A 242 1.80 -14.92 -7.31
C LEU A 242 0.96 -15.26 -8.54
N ILE A 243 -0.35 -15.00 -8.50
CA ILE A 243 -1.19 -15.25 -9.66
C ILE A 243 -0.74 -14.36 -10.82
N SER A 244 -0.39 -13.09 -10.50
CA SER A 244 0.10 -12.17 -11.52
C SER A 244 1.40 -12.68 -12.14
N ILE A 245 2.28 -13.25 -11.34
CA ILE A 245 3.52 -13.80 -11.90
C ILE A 245 3.22 -15.00 -12.77
N TYR A 246 2.31 -15.87 -12.32
CA TYR A 246 1.88 -17.01 -13.12
C TYR A 246 1.34 -16.56 -14.48
N ALA A 247 0.42 -15.61 -14.47
CA ALA A 247 -0.11 -15.09 -15.73
C ALA A 247 1.00 -14.49 -16.58
N GLY A 248 1.90 -13.74 -15.96
CA GLY A 248 2.94 -13.04 -16.71
C GLY A 248 3.90 -13.95 -17.44
N LEU A 249 4.21 -15.12 -16.87
CA LEU A 249 5.18 -15.98 -17.52
C LEU A 249 4.55 -17.07 -18.38
N THR A 250 3.25 -17.31 -18.26
CA THR A 250 2.60 -18.33 -19.06
C THR A 250 1.63 -17.77 -20.09
N ASP A 251 1.25 -16.51 -19.95
CA ASP A 251 0.25 -15.80 -20.77
C ASP A 251 -1.15 -16.37 -20.57
N MET A 252 -1.32 -17.28 -19.64
CA MET A 252 -2.62 -17.84 -19.34
C MET A 252 -3.50 -16.76 -18.69
N PRO A 253 -4.71 -16.54 -19.20
CA PRO A 253 -5.59 -15.52 -18.62
C PRO A 253 -5.91 -15.84 -17.17
N ILE A 254 -6.14 -14.79 -16.38
CA ILE A 254 -6.28 -14.95 -14.94
C ILE A 254 -7.49 -15.81 -14.61
N LYS A 255 -8.63 -15.51 -15.25
CA LYS A 255 -9.84 -16.31 -15.01
C LYS A 255 -9.60 -17.77 -15.36
N ASP A 256 -8.78 -18.03 -16.37
CA ASP A 256 -8.41 -19.40 -16.71
C ASP A 256 -7.40 -20.02 -15.74
N ILE A 257 -6.61 -19.22 -15.02
CA ILE A 257 -5.84 -19.82 -13.92
C ILE A 257 -6.77 -20.19 -12.80
N GLU A 258 -7.75 -19.33 -12.51
CA GLU A 258 -8.66 -19.60 -11.41
C GLU A 258 -9.40 -20.91 -11.63
N ALA A 259 -9.99 -21.09 -12.82
CA ALA A 259 -10.75 -22.31 -13.09
C ALA A 259 -9.85 -23.54 -13.12
N LYS A 260 -8.59 -23.38 -13.52
CA LYS A 260 -7.68 -24.52 -13.55
C LYS A 260 -7.36 -25.01 -12.14
N TYR A 261 -7.25 -24.11 -11.16
CA TYR A 261 -6.97 -24.49 -9.78
C TYR A 261 -8.22 -24.50 -8.90
N GLU A 262 -9.41 -24.55 -9.49
CA GLU A 262 -10.63 -24.71 -8.70
C GLU A 262 -10.56 -26.00 -7.89
N GLY A 263 -10.83 -25.88 -6.58
CA GLY A 263 -10.67 -27.00 -5.67
C GLY A 263 -9.24 -27.37 -5.35
N GLU A 264 -8.28 -26.48 -5.59
CA GLU A 264 -6.89 -26.71 -5.20
C GLU A 264 -6.51 -25.74 -4.09
N GLY A 265 -5.54 -26.16 -3.28
CA GLY A 265 -4.98 -25.31 -2.24
C GLY A 265 -3.68 -24.65 -2.69
N TYR A 266 -3.08 -23.92 -1.75
CA TYR A 266 -1.88 -23.16 -2.06
C TYR A 266 -0.69 -24.06 -2.39
N GLY A 267 -0.63 -25.24 -1.78
CA GLY A 267 0.54 -26.07 -1.95
C GLY A 267 0.72 -26.54 -3.39
N LYS A 268 -0.38 -26.98 -4.00
CA LYS A 268 -0.32 -27.37 -5.41
C LYS A 268 0.03 -26.19 -6.30
N PHE A 269 -0.60 -25.04 -6.05
CA PHE A 269 -0.37 -23.90 -6.92
C PHE A 269 1.08 -23.40 -6.80
N LYS A 270 1.59 -23.28 -5.57
CA LYS A 270 2.94 -22.73 -5.39
C LYS A 270 4.00 -23.72 -5.87
N GLY A 271 3.73 -25.02 -5.75
CA GLY A 271 4.62 -25.99 -6.36
C GLY A 271 4.71 -25.80 -7.85
N ASP A 272 3.56 -25.65 -8.51
CA ASP A 272 3.55 -25.52 -9.96
C ASP A 272 4.25 -24.25 -10.41
N LEU A 273 3.97 -23.13 -9.74
CA LEU A 273 4.61 -21.86 -10.13
C LEU A 273 6.12 -21.89 -9.88
N ALA A 274 6.58 -22.48 -8.78
CA ALA A 274 8.02 -22.54 -8.57
C ALA A 274 8.70 -23.27 -9.72
N GLU A 275 8.01 -24.28 -10.28
CA GLU A 275 8.57 -25.00 -11.41
C GLU A 275 8.51 -24.17 -12.68
N ILE A 276 7.42 -23.41 -12.88
CA ILE A 276 7.33 -22.52 -14.03
C ILE A 276 8.45 -21.48 -13.99
N VAL A 277 8.68 -20.89 -12.81
CA VAL A 277 9.77 -19.90 -12.68
C VAL A 277 11.12 -20.54 -12.96
N LYS A 278 11.34 -21.74 -12.42
CA LYS A 278 12.60 -22.43 -12.65
C LYS A 278 12.82 -22.69 -14.15
N ALA A 279 11.78 -23.14 -14.86
CA ALA A 279 11.94 -23.45 -16.28
C ALA A 279 12.18 -22.19 -17.09
N PHE A 280 11.38 -21.15 -16.85
CA PHE A 280 11.57 -19.90 -17.56
C PHE A 280 13.01 -19.43 -17.42
N LEU A 281 13.55 -19.46 -16.20
CA LEU A 281 14.91 -18.96 -15.98
C LEU A 281 15.96 -19.85 -16.63
N VAL A 282 15.73 -21.17 -16.65
CA VAL A 282 16.66 -22.05 -17.34
C VAL A 282 16.74 -21.71 -18.82
N GLU A 283 15.60 -21.59 -19.49
CA GLU A 283 15.63 -21.22 -20.93
C GLU A 283 16.20 -19.80 -21.10
N PHE A 284 15.78 -18.85 -20.28
CA PHE A 284 16.24 -17.48 -20.46
C PHE A 284 17.76 -17.37 -20.27
N GLN A 285 18.31 -18.04 -19.27
CA GLN A 285 19.74 -17.87 -18.98
C GLN A 285 20.61 -18.58 -20.00
N GLU A 286 20.12 -19.66 -20.60
CA GLU A 286 20.83 -20.27 -21.73
C GLU A 286 20.99 -19.27 -22.86
N LYS A 287 19.93 -18.55 -23.21
CA LYS A 287 20.08 -17.52 -24.26
C LYS A 287 21.03 -16.43 -23.78
N TYR A 288 20.87 -16.00 -22.52
CA TYR A 288 21.69 -14.90 -22.03
C TYR A 288 23.17 -15.24 -22.09
N GLU A 289 23.53 -16.44 -21.66
CA GLU A 289 24.93 -16.86 -21.69
C GLU A 289 25.47 -16.88 -23.11
N SER A 290 24.70 -17.41 -24.06
CA SER A 290 25.21 -17.48 -25.42
C SER A 290 25.44 -16.09 -26.01
N PHE A 291 24.53 -15.13 -25.79
CA PHE A 291 24.82 -13.76 -26.22
C PHE A 291 26.01 -13.18 -25.45
N TYR A 292 26.05 -13.37 -24.13
CA TYR A 292 27.04 -12.70 -23.29
C TYR A 292 28.46 -13.24 -23.51
N ASN A 293 28.60 -14.50 -23.92
CA ASN A 293 29.91 -15.10 -24.14
C ASN A 293 30.28 -15.17 -25.62
N SER A 294 29.52 -14.49 -26.46
CA SER A 294 29.67 -14.56 -27.90
C SER A 294 30.44 -13.38 -28.45
N ASP A 295 31.08 -13.59 -29.58
CA ASP A 295 31.79 -12.49 -30.28
C ASP A 295 30.78 -11.71 -31.13
N LYS A 296 29.64 -12.31 -31.43
CA LYS A 296 28.65 -11.58 -32.20
C LYS A 296 28.03 -10.44 -31.41
N LEU A 297 28.07 -10.50 -30.08
CA LEU A 297 27.52 -9.41 -29.27
C LEU A 297 28.09 -8.07 -29.70
N ASP A 298 29.41 -8.00 -29.88
CA ASP A 298 30.04 -6.75 -30.31
C ASP A 298 29.59 -6.36 -31.71
N ASP A 299 29.40 -7.35 -32.59
CA ASP A 299 28.83 -7.03 -33.90
C ASP A 299 27.43 -6.46 -33.78
N ILE A 300 26.61 -7.06 -32.92
CA ILE A 300 25.25 -6.55 -32.73
C ILE A 300 25.27 -5.11 -32.25
N LEU A 301 26.04 -4.83 -31.21
CA LEU A 301 26.04 -3.48 -30.66
C LEU A 301 26.65 -2.47 -31.62
N ASP A 302 27.61 -2.90 -32.46
CA ASP A 302 28.17 -2.04 -33.49
C ASP A 302 27.08 -1.59 -34.47
N GLN A 303 26.28 -2.54 -34.97
CA GLN A 303 25.20 -2.19 -35.90
C GLN A 303 24.16 -1.31 -35.23
N GLY A 304 23.82 -1.61 -33.97
CA GLY A 304 22.91 -0.73 -33.25
C GLY A 304 23.44 0.69 -33.20
N ARG A 305 24.72 0.84 -32.87
CA ARG A 305 25.35 2.15 -32.79
C ARG A 305 25.28 2.90 -34.13
N ASP A 306 25.56 2.18 -35.23
CA ASP A 306 25.50 2.82 -36.56
C ASP A 306 24.07 3.22 -36.91
N LYS A 307 23.08 2.39 -36.58
CA LYS A 307 21.70 2.80 -36.85
C LYS A 307 21.36 4.10 -36.13
N ALA A 308 21.70 4.19 -34.82
CA ALA A 308 21.35 5.38 -34.06
C ALA A 308 22.11 6.61 -34.56
N HIS A 309 23.38 6.42 -34.92
CA HIS A 309 24.20 7.53 -35.38
C HIS A 309 23.61 8.16 -36.63
N LYS A 310 23.18 7.33 -37.57
CA LYS A 310 22.65 7.88 -38.81
C LYS A 310 21.43 8.76 -38.55
N VAL A 311 20.59 8.38 -37.58
CA VAL A 311 19.39 9.20 -37.34
C VAL A 311 19.73 10.42 -36.50
N SER A 312 20.49 10.26 -35.42
CA SER A 312 20.73 11.40 -34.55
C SER A 312 21.68 12.42 -35.15
N PHE A 313 22.51 12.00 -36.12
CA PHE A 313 23.38 12.92 -36.84
C PHE A 313 22.57 13.99 -37.56
N LYS A 314 21.50 13.58 -38.24
CA LYS A 314 20.71 14.56 -38.97
C LYS A 314 20.05 15.54 -38.00
N THR A 315 19.53 15.03 -36.88
CA THR A 315 18.95 15.94 -35.88
C THR A 315 19.98 16.93 -35.34
N VAL A 316 21.17 16.44 -34.95
CA VAL A 316 22.19 17.35 -34.40
C VAL A 316 22.54 18.43 -35.41
N LYS A 317 22.69 18.05 -36.67
CA LYS A 317 23.06 19.04 -37.68
C LYS A 317 21.98 20.10 -37.84
N LYS A 318 20.70 19.70 -37.77
CA LYS A 318 19.63 20.70 -37.84
C LYS A 318 19.68 21.63 -36.62
N MET A 319 19.91 21.09 -35.42
CA MET A 319 20.07 21.97 -34.27
C MET A 319 21.26 22.92 -34.42
N GLU A 320 22.43 22.42 -34.88
CA GLU A 320 23.59 23.31 -35.00
C GLU A 320 23.33 24.45 -35.97
N LYS A 321 22.69 24.14 -37.11
CA LYS A 321 22.33 25.18 -38.06
C LYS A 321 21.40 26.20 -37.42
N ALA A 322 20.46 25.74 -36.60
CA ALA A 322 19.51 26.68 -36.02
C ALA A 322 20.17 27.57 -34.98
N MET A 323 21.21 27.10 -34.31
CA MET A 323 21.88 27.98 -33.35
C MET A 323 23.07 28.75 -33.93
N GLY A 324 23.47 28.45 -35.17
CA GLY A 324 24.65 29.08 -35.72
C GLY A 324 25.98 28.48 -35.31
N LEU A 325 26.00 27.24 -34.81
CA LEU A 325 27.27 26.56 -34.55
C LEU A 325 27.87 26.10 -35.88
N GLY A 326 29.20 25.98 -35.91
CA GLY A 326 29.85 25.31 -37.03
C GLY A 326 29.93 26.18 -38.27
N ARG A 327 29.90 25.51 -39.43
CA ARG A 327 29.98 26.19 -40.72
C ARG A 327 28.84 25.76 -41.64
N LYS A 328 28.56 26.59 -42.62
CA LYS A 328 27.74 26.18 -43.75
C LYS A 328 28.68 25.51 -44.76
N ARG A 329 28.55 24.20 -44.90
CA ARG A 329 29.31 23.52 -45.94
C ARG A 329 28.31 22.95 -46.93
N MET B 1 -5.69 25.26 -28.90
CA MET B 1 -5.58 25.01 -27.46
C MET B 1 -5.99 23.58 -27.13
N GLU B 2 -5.18 22.92 -26.32
CA GLU B 2 -5.44 21.55 -25.93
C GLU B 2 -6.50 21.50 -24.83
N THR B 3 -7.27 20.43 -24.85
CA THR B 3 -8.36 20.22 -23.91
C THR B 3 -7.96 19.24 -22.82
N LEU B 4 -8.22 19.60 -21.56
CA LEU B 4 -7.89 18.78 -20.41
C LEU B 4 -9.18 18.35 -19.70
N PHE B 5 -9.24 17.07 -19.32
CA PHE B 5 -10.40 16.59 -18.59
C PHE B 5 -9.94 15.87 -17.34
N SER B 6 -10.51 16.24 -16.21
CA SER B 6 -10.20 15.62 -14.94
C SER B 6 -11.49 15.22 -14.25
N GLY B 7 -11.62 13.93 -13.92
CA GLY B 7 -12.74 13.47 -13.12
C GLY B 7 -12.41 13.53 -11.64
N ILE B 8 -13.36 14.02 -10.84
CA ILE B 8 -13.17 14.23 -9.40
C ILE B 8 -14.22 13.41 -8.63
N GLN B 9 -13.75 12.48 -7.80
CA GLN B 9 -14.65 11.66 -6.99
C GLN B 9 -15.23 12.49 -5.85
N PRO B 10 -16.55 12.56 -5.71
CA PRO B 10 -17.17 13.30 -4.61
C PRO B 10 -17.37 12.44 -3.36
N SER B 11 -16.33 11.76 -2.93
CA SER B 11 -16.43 10.85 -1.81
C SER B 11 -15.27 11.01 -0.85
N GLY B 12 -14.29 11.84 -1.19
CA GLY B 12 -13.14 12.02 -0.35
C GLY B 12 -12.50 13.37 -0.56
N ILE B 13 -12.35 14.09 0.54
CA ILE B 13 -11.93 15.48 0.50
C ILE B 13 -10.45 15.54 0.14
N PRO B 14 -10.03 16.44 -0.74
CA PRO B 14 -8.61 16.54 -1.07
C PRO B 14 -7.77 16.88 0.16
N THR B 15 -6.56 16.32 0.18
CA THR B 15 -5.63 16.64 1.24
C THR B 15 -4.72 17.76 0.79
N ILE B 16 -3.79 18.13 1.68
CA ILE B 16 -2.86 19.18 1.35
C ILE B 16 -1.89 18.72 0.28
N GLY B 17 -1.58 17.42 0.24
CA GLY B 17 -0.74 16.89 -0.82
C GLY B 17 -1.40 16.96 -2.18
N ASN B 18 -2.72 16.75 -2.25
CA ASN B 18 -3.46 16.96 -3.49
C ASN B 18 -3.37 18.42 -3.93
N TYR B 19 -3.38 19.34 -2.98
CA TYR B 19 -3.38 20.76 -3.32
C TYR B 19 -2.03 21.19 -3.87
N ILE B 20 -0.95 20.72 -3.25
CA ILE B 20 0.40 21.08 -3.68
C ILE B 20 0.69 20.45 -5.03
N GLY B 21 0.31 19.18 -5.23
CA GLY B 21 0.60 18.50 -6.48
C GLY B 21 -0.32 18.88 -7.62
N ALA B 22 -1.61 19.03 -7.34
CA ALA B 22 -2.58 19.20 -8.42
C ALA B 22 -3.35 20.52 -8.35
N LEU B 23 -4.09 20.76 -7.28
CA LEU B 23 -5.10 21.82 -7.27
C LEU B 23 -4.48 23.19 -7.49
N LYS B 24 -3.38 23.47 -6.79
CA LYS B 24 -2.72 24.76 -6.90
C LYS B 24 -2.20 25.00 -8.31
N GLN B 25 -1.78 23.94 -9.00
CA GLN B 25 -1.27 24.11 -10.35
C GLN B 25 -2.39 24.45 -11.33
N PHE B 26 -3.55 23.80 -11.18
CA PHE B 26 -4.67 24.01 -12.12
C PHE B 26 -5.05 25.48 -12.22
N VAL B 27 -4.85 26.25 -11.15
CA VAL B 27 -5.13 27.68 -11.17
C VAL B 27 -4.29 28.38 -12.24
N ASP B 28 -3.06 27.94 -12.47
CA ASP B 28 -2.21 28.44 -13.55
C ASP B 28 -2.50 27.78 -14.90
N VAL B 29 -2.73 26.45 -14.95
CA VAL B 29 -2.87 25.83 -16.26
C VAL B 29 -4.22 26.12 -16.90
N GLN B 30 -5.21 26.63 -16.14
CA GLN B 30 -6.52 26.95 -16.71
C GLN B 30 -6.47 28.19 -17.59
N ASN B 31 -5.35 28.91 -17.62
CA ASN B 31 -5.15 30.03 -18.52
C ASN B 31 -4.58 29.61 -19.88
N ASP B 32 -4.03 28.41 -19.97
CA ASP B 32 -3.41 27.94 -21.19
C ASP B 32 -4.01 26.66 -21.74
N TYR B 33 -4.87 25.98 -20.98
CA TYR B 33 -5.51 24.76 -21.42
C TYR B 33 -7.00 24.91 -21.19
N ASP B 34 -7.80 24.35 -22.09
CA ASP B 34 -9.26 24.31 -21.98
C ASP B 34 -9.64 23.17 -21.03
N CYS B 35 -9.99 23.52 -19.80
CA CYS B 35 -10.04 22.57 -18.69
C CYS B 35 -11.47 22.24 -18.31
N TYR B 36 -11.75 20.94 -18.17
CA TYR B 36 -13.01 20.43 -17.67
C TYR B 36 -12.76 19.77 -16.33
N PHE B 37 -13.49 20.20 -15.30
CA PHE B 37 -13.41 19.58 -13.98
C PHE B 37 -14.78 19.01 -13.66
N CYS B 38 -14.88 17.69 -13.59
CA CYS B 38 -16.16 16.99 -13.60
C CYS B 38 -16.32 16.19 -12.32
N ILE B 39 -17.35 16.51 -11.54
CA ILE B 39 -17.59 15.78 -10.29
C ILE B 39 -18.40 14.53 -10.64
N VAL B 40 -17.78 13.37 -10.50
CA VAL B 40 -18.32 12.15 -11.14
C VAL B 40 -19.20 11.45 -10.13
N ASP B 41 -20.41 11.99 -9.97
CA ASP B 41 -21.32 11.37 -9.01
C ASP B 41 -21.86 10.03 -9.50
N GLN B 42 -21.98 9.87 -10.83
CA GLN B 42 -22.42 8.58 -11.34
C GLN B 42 -21.38 7.49 -11.13
N HIS B 43 -20.09 7.86 -11.10
CA HIS B 43 -19.06 6.89 -10.79
C HIS B 43 -19.04 6.56 -9.29
N ALA B 44 -19.38 7.55 -8.45
CA ALA B 44 -19.39 7.33 -7.00
C ALA B 44 -20.36 6.23 -6.59
N ILE B 45 -21.54 6.15 -7.24
CA ILE B 45 -22.55 5.19 -6.78
C ILE B 45 -22.24 3.76 -7.24
N THR B 46 -21.08 3.54 -7.87
CA THR B 46 -20.72 2.15 -8.07
C THR B 46 -20.22 1.51 -6.78
N MET B 47 -20.04 2.29 -5.74
CA MET B 47 -19.48 1.93 -4.46
C MET B 47 -20.54 2.13 -3.36
N PRO B 48 -20.33 1.55 -2.18
CA PRO B 48 -21.20 1.84 -1.02
C PRO B 48 -21.23 3.33 -0.70
N GLN B 49 -22.42 3.92 -0.82
CA GLN B 49 -22.60 5.36 -0.69
C GLN B 49 -23.89 5.66 0.04
N ASP B 50 -23.84 6.62 0.97
CA ASP B 50 -25.02 7.02 1.74
C ASP B 50 -25.71 8.21 1.09
N ARG B 51 -27.03 8.08 0.91
CA ARG B 51 -27.80 9.01 0.08
C ARG B 51 -27.65 10.46 0.52
N LEU B 52 -27.52 10.73 1.83
CA LEU B 52 -27.45 12.12 2.27
C LEU B 52 -26.02 12.63 2.35
N LYS B 53 -25.06 11.75 2.62
CA LYS B 53 -23.67 12.18 2.51
C LYS B 53 -23.37 12.67 1.10
N LEU B 54 -23.89 11.96 0.08
CA LEU B 54 -23.40 12.10 -1.29
C LEU B 54 -23.65 13.50 -1.84
N ARG B 55 -24.88 13.99 -1.69
CA ARG B 55 -25.20 15.33 -2.18
C ARG B 55 -24.41 16.38 -1.41
N LYS B 56 -24.18 16.16 -0.11
CA LYS B 56 -23.34 17.08 0.65
C LYS B 56 -21.91 17.09 0.08
N GLN B 57 -21.31 15.91 -0.07
CA GLN B 57 -19.93 15.83 -0.55
C GLN B 57 -19.76 16.41 -1.94
N THR B 58 -20.77 16.25 -2.81
CA THR B 58 -20.69 16.86 -4.13
C THR B 58 -20.58 18.38 -4.04
N ARG B 59 -21.39 19.01 -3.16
CA ARG B 59 -21.31 20.46 -2.98
C ARG B 59 -19.99 20.88 -2.36
N GLN B 60 -19.48 20.12 -1.38
CA GLN B 60 -18.23 20.45 -0.74
C GLN B 60 -17.09 20.49 -1.75
N LEU B 61 -17.09 19.52 -2.67
CA LEU B 61 -16.02 19.41 -3.65
C LEU B 61 -16.04 20.59 -4.62
N ALA B 62 -17.22 20.96 -5.11
CA ALA B 62 -17.32 22.14 -5.96
C ALA B 62 -16.73 23.36 -5.25
N ALA B 63 -17.05 23.51 -3.96
CA ALA B 63 -16.55 24.65 -3.19
C ALA B 63 -15.06 24.54 -2.94
N ILE B 64 -14.55 23.32 -2.76
CA ILE B 64 -13.13 23.14 -2.54
C ILE B 64 -12.34 23.54 -3.79
N TYR B 65 -12.87 23.22 -4.98
CA TYR B 65 -12.16 23.62 -6.20
C TYR B 65 -12.28 25.13 -6.43
N LEU B 66 -13.45 25.72 -6.16
CA LEU B 66 -13.59 27.16 -6.29
C LEU B 66 -12.72 27.91 -5.28
N ALA B 67 -12.64 27.41 -4.05
CA ALA B 67 -11.78 28.04 -3.05
C ALA B 67 -10.31 27.96 -3.46
N SER B 68 -9.93 26.87 -4.15
CA SER B 68 -8.57 26.74 -4.66
C SER B 68 -8.26 27.76 -5.73
N GLY B 69 -9.28 28.34 -6.37
CA GLY B 69 -9.08 29.30 -7.43
C GLY B 69 -9.45 28.84 -8.83
N ILE B 70 -10.10 27.68 -8.99
CA ILE B 70 -10.62 27.34 -10.30
C ILE B 70 -11.68 28.36 -10.67
N ASP B 71 -11.52 28.97 -11.86
CA ASP B 71 -12.35 30.09 -12.29
C ASP B 71 -13.50 29.57 -13.15
N PRO B 72 -14.75 29.69 -12.72
CA PRO B 72 -15.87 29.10 -13.50
C PRO B 72 -16.03 29.70 -14.88
N ASP B 73 -15.38 30.81 -15.19
CA ASP B 73 -15.45 31.39 -16.52
C ASP B 73 -14.31 30.90 -17.41
N LYS B 74 -13.11 30.73 -16.85
CA LYS B 74 -11.98 30.24 -17.64
C LYS B 74 -12.10 28.74 -17.91
N ALA B 75 -12.47 27.96 -16.91
CA ALA B 75 -12.60 26.51 -16.94
C ALA B 75 -14.08 26.12 -16.91
N THR B 76 -14.36 24.82 -16.89
CA THR B 76 -15.72 24.29 -16.85
C THR B 76 -15.88 23.32 -15.69
N LEU B 77 -16.63 23.71 -14.67
CA LEU B 77 -16.81 22.87 -13.49
C LEU B 77 -18.27 22.41 -13.44
N PHE B 78 -18.49 21.09 -13.41
CA PHE B 78 -19.85 20.59 -13.60
C PHE B 78 -20.01 19.22 -12.97
N ILE B 79 -21.26 18.81 -12.79
CA ILE B 79 -21.62 17.54 -12.17
C ILE B 79 -22.05 16.55 -13.26
N GLN B 80 -21.40 15.37 -13.26
CA GLN B 80 -21.61 14.37 -14.30
C GLN B 80 -23.09 14.03 -14.52
N SER B 81 -23.86 13.77 -13.46
CA SER B 81 -25.25 13.35 -13.65
C SER B 81 -26.10 14.39 -14.36
N GLU B 82 -25.70 15.66 -14.31
CA GLU B 82 -26.50 16.70 -14.94
C GLU B 82 -26.29 16.80 -16.44
N VAL B 83 -25.40 16.00 -17.02
CA VAL B 83 -25.12 16.03 -18.44
C VAL B 83 -25.39 14.64 -18.99
N PRO B 84 -26.57 14.42 -19.58
CA PRO B 84 -26.95 13.06 -20.00
C PRO B 84 -26.00 12.43 -20.96
N ALA B 85 -25.26 13.24 -21.73
CA ALA B 85 -24.39 12.66 -22.75
C ALA B 85 -23.44 11.62 -22.17
N HIS B 86 -23.05 11.75 -20.90
CA HIS B 86 -22.07 10.81 -20.36
C HIS B 86 -22.59 9.39 -20.37
N VAL B 87 -23.80 9.16 -19.86
CA VAL B 87 -24.32 7.78 -19.90
C VAL B 87 -24.77 7.39 -21.29
N GLN B 88 -24.95 8.36 -22.18
CA GLN B 88 -25.31 8.03 -23.56
C GLN B 88 -24.12 7.44 -24.31
N ALA B 89 -23.00 8.18 -24.35
CA ALA B 89 -21.78 7.63 -24.94
C ALA B 89 -21.26 6.44 -24.13
N GLY B 90 -21.56 6.40 -22.84
CA GLY B 90 -21.12 5.26 -22.03
C GLY B 90 -21.73 3.97 -22.52
N TRP B 91 -23.04 3.97 -22.75
CA TRP B 91 -23.70 2.81 -23.31
C TRP B 91 -23.11 2.46 -24.68
N MET B 92 -22.97 3.45 -25.56
CA MET B 92 -22.49 3.12 -26.89
C MET B 92 -21.10 2.49 -26.86
N LEU B 93 -20.19 3.05 -26.06
CA LEU B 93 -18.86 2.45 -25.97
C LEU B 93 -18.90 1.08 -25.30
N THR B 94 -19.81 0.88 -24.36
CA THR B 94 -19.99 -0.44 -23.76
C THR B 94 -20.33 -1.49 -24.81
N THR B 95 -21.21 -1.16 -25.78
CA THR B 95 -21.60 -2.16 -26.79
C THR B 95 -20.43 -2.63 -27.67
N ILE B 96 -19.35 -1.86 -27.78
CA ILE B 96 -18.22 -2.29 -28.61
C ILE B 96 -17.05 -2.81 -27.80
N ALA B 97 -17.15 -2.80 -26.47
CA ALA B 97 -16.22 -3.49 -25.57
C ALA B 97 -16.58 -4.97 -25.48
N SER B 98 -15.62 -5.79 -25.09
CA SER B 98 -15.91 -7.20 -24.86
C SER B 98 -16.02 -7.48 -23.37
N VAL B 99 -16.67 -8.60 -23.05
CA VAL B 99 -16.73 -9.04 -21.66
C VAL B 99 -15.34 -9.32 -21.14
N GLY B 100 -14.47 -9.86 -22.01
CA GLY B 100 -13.09 -10.10 -21.64
C GLY B 100 -12.36 -8.83 -21.26
N GLU B 101 -12.46 -7.80 -22.10
CA GLU B 101 -11.76 -6.56 -21.76
C GLU B 101 -12.25 -5.99 -20.44
N LEU B 102 -13.56 -6.09 -20.19
CA LEU B 102 -14.08 -5.49 -18.95
C LEU B 102 -13.51 -6.32 -17.79
N GLU B 103 -13.54 -7.65 -17.92
CA GLU B 103 -13.01 -8.50 -16.88
C GLU B 103 -11.54 -8.18 -16.56
N ARG B 104 -10.76 -7.81 -17.57
CA ARG B 104 -9.32 -7.61 -17.32
C ARG B 104 -9.10 -6.26 -16.61
N MET B 105 -9.97 -5.28 -16.82
CA MET B 105 -9.81 -4.03 -16.10
C MET B 105 -9.94 -4.24 -14.59
N THR B 106 -10.66 -5.29 -14.15
CA THR B 106 -10.75 -5.58 -12.71
C THR B 106 -9.49 -6.28 -12.19
N GLN B 107 -8.89 -7.19 -12.96
CA GLN B 107 -7.70 -7.93 -12.53
C GLN B 107 -6.42 -7.31 -13.11
N TYR B 108 -6.17 -6.05 -12.75
CA TYR B 108 -5.03 -5.34 -13.30
C TYR B 108 -4.15 -4.74 -12.19
N GLY B 118 -22.87 -10.67 -3.47
CA GLY B 118 -22.53 -10.46 -4.87
C GLY B 118 -21.71 -9.20 -5.20
N ILE B 119 -20.84 -9.32 -6.20
CA ILE B 119 -19.94 -8.25 -6.64
C ILE B 119 -20.70 -7.20 -7.45
N PRO B 120 -20.73 -5.94 -7.01
CA PRO B 120 -21.58 -4.93 -7.67
C PRO B 120 -21.19 -4.71 -9.13
N ALA B 121 -22.19 -4.76 -10.01
CA ALA B 121 -21.98 -4.69 -11.45
C ALA B 121 -21.53 -3.33 -11.92
N GLY B 122 -21.64 -2.29 -11.09
CA GLY B 122 -21.07 -1.00 -11.46
C GLY B 122 -19.57 -1.06 -11.56
N LEU B 123 -18.92 -1.89 -10.73
CA LEU B 123 -17.48 -1.99 -10.79
C LEU B 123 -17.01 -2.73 -12.02
N LEU B 124 -17.89 -3.47 -12.69
CA LEU B 124 -17.46 -4.15 -13.89
C LEU B 124 -17.60 -3.26 -15.12
N THR B 125 -18.63 -2.44 -15.15
CA THR B 125 -18.98 -1.72 -16.36
C THR B 125 -18.58 -0.26 -16.35
N TYR B 126 -17.97 0.24 -15.29
CA TYR B 126 -17.63 1.65 -15.30
C TYR B 126 -16.52 2.09 -16.28
N PRO B 127 -15.55 1.26 -16.67
CA PRO B 127 -14.46 1.78 -17.56
C PRO B 127 -14.98 2.41 -18.86
N PRO B 128 -15.99 1.84 -19.54
CA PRO B 128 -16.52 2.56 -20.73
C PRO B 128 -17.14 3.90 -20.39
N LEU B 129 -17.66 4.07 -19.17
CA LEU B 129 -18.21 5.38 -18.77
C LEU B 129 -17.09 6.39 -18.55
N MET B 130 -16.00 5.96 -17.90
CA MET B 130 -14.80 6.80 -17.81
C MET B 130 -14.27 7.18 -19.18
N ALA B 131 -14.18 6.20 -20.10
CA ALA B 131 -13.81 6.52 -21.47
C ALA B 131 -14.74 7.57 -22.06
N ALA B 132 -16.06 7.45 -21.79
CA ALA B 132 -17.03 8.39 -22.36
C ALA B 132 -16.88 9.77 -21.74
N ASP B 133 -16.70 9.83 -20.41
CA ASP B 133 -16.43 11.13 -19.77
C ASP B 133 -15.36 11.88 -20.54
N ILE B 134 -14.30 11.17 -20.95
CA ILE B 134 -13.13 11.82 -21.53
C ILE B 134 -13.38 12.20 -22.99
N VAL B 135 -13.76 11.23 -23.82
CA VAL B 135 -13.83 11.48 -25.25
C VAL B 135 -14.99 12.39 -25.66
N LEU B 136 -15.98 12.61 -24.78
CA LEU B 136 -17.09 13.48 -25.16
C LEU B 136 -16.63 14.90 -25.45
N TYR B 137 -15.51 15.33 -24.85
CA TYR B 137 -15.04 16.71 -24.93
C TYR B 137 -13.82 16.84 -25.83
N ASN B 138 -13.56 15.83 -26.67
CA ASN B 138 -12.41 15.83 -27.59
C ASN B 138 -11.12 16.11 -26.83
N THR B 139 -11.00 15.45 -25.68
CA THR B 139 -9.93 15.71 -24.73
C THR B 139 -8.59 15.27 -25.30
N ASN B 140 -7.59 16.15 -25.16
CA ASN B 140 -6.24 15.78 -25.54
C ASN B 140 -5.45 15.16 -24.39
N ILE B 141 -5.63 15.65 -23.14
CA ILE B 141 -4.81 15.19 -22.02
C ILE B 141 -5.66 14.95 -20.77
N VAL B 142 -5.24 13.96 -19.97
CA VAL B 142 -5.89 13.59 -18.73
C VAL B 142 -4.83 13.52 -17.63
N PRO B 143 -4.91 14.36 -16.58
CA PRO B 143 -3.81 14.43 -15.60
C PRO B 143 -3.94 13.38 -14.50
N VAL B 144 -3.79 12.11 -14.88
CA VAL B 144 -3.89 11.00 -13.94
C VAL B 144 -2.52 10.34 -13.79
N GLY B 145 -2.44 9.29 -12.96
CA GLY B 145 -1.18 8.66 -12.66
C GLY B 145 -1.05 7.24 -13.17
N ASP B 146 -0.09 6.51 -12.56
CA ASP B 146 0.29 5.20 -13.06
C ASP B 146 -0.83 4.20 -12.95
N ASP B 147 -1.65 4.32 -11.92
CA ASP B 147 -2.69 3.33 -11.71
C ASP B 147 -3.91 3.53 -12.61
N GLN B 148 -3.96 4.62 -13.36
CA GLN B 148 -4.97 4.84 -14.38
C GLN B 148 -4.47 4.48 -15.78
N LYS B 149 -3.24 3.95 -15.90
CA LYS B 149 -2.65 3.70 -17.21
C LYS B 149 -3.49 2.75 -18.04
N GLN B 150 -4.08 1.73 -17.40
CA GLN B 150 -4.82 0.71 -18.11
C GLN B 150 -6.18 1.24 -18.58
N HIS B 151 -6.80 2.11 -17.77
CA HIS B 151 -8.06 2.75 -18.19
C HIS B 151 -7.82 3.67 -19.37
N ILE B 152 -6.70 4.39 -19.39
CA ILE B 152 -6.45 5.24 -20.55
C ILE B 152 -6.13 4.39 -21.78
N GLU B 153 -5.45 3.24 -21.56
CA GLU B 153 -5.19 2.33 -22.67
C GLU B 153 -6.51 1.78 -23.26
N LEU B 154 -7.47 1.44 -22.40
CA LEU B 154 -8.78 1.01 -22.89
C LEU B 154 -9.49 2.14 -23.63
N THR B 155 -9.46 3.35 -23.08
CA THR B 155 -10.05 4.50 -23.76
C THR B 155 -9.49 4.64 -25.18
N ARG B 156 -8.16 4.64 -25.33
CA ARG B 156 -7.53 4.77 -26.64
C ARG B 156 -7.93 3.64 -27.58
N ASN B 157 -8.06 2.42 -27.06
CA ASN B 157 -8.46 1.30 -27.92
C ASN B 157 -9.92 1.43 -28.33
N LEU B 158 -10.80 1.80 -27.39
CA LEU B 158 -12.19 2.04 -27.72
C LEU B 158 -12.31 3.12 -28.78
N VAL B 159 -11.52 4.19 -28.64
CA VAL B 159 -11.55 5.25 -29.65
C VAL B 159 -11.16 4.68 -31.01
N ASP B 160 -10.05 3.93 -31.07
CA ASP B 160 -9.60 3.35 -32.34
C ASP B 160 -10.67 2.43 -32.93
N ARG B 161 -11.30 1.61 -32.09
CA ARG B 161 -12.30 0.66 -32.57
C ARG B 161 -13.53 1.39 -33.10
N PHE B 162 -13.92 2.49 -32.46
CA PHE B 162 -15.06 3.25 -32.96
C PHE B 162 -14.74 3.92 -34.29
N ASN B 163 -13.59 4.63 -34.36
CA ASN B 163 -13.32 5.45 -35.53
C ASN B 163 -13.19 4.62 -36.80
N SER B 164 -12.78 3.36 -36.66
CA SER B 164 -12.49 2.53 -37.82
C SER B 164 -13.64 1.62 -38.19
N ARG B 165 -14.45 1.23 -37.21
CA ARG B 165 -15.64 0.47 -37.54
C ARG B 165 -16.80 1.36 -37.97
N TYR B 166 -16.90 2.59 -37.47
CA TYR B 166 -18.02 3.46 -37.81
C TYR B 166 -17.61 4.67 -38.64
N ASN B 167 -16.87 5.62 -38.10
CA ASN B 167 -16.16 6.64 -38.87
C ASN B 167 -15.42 7.53 -37.88
N ASP B 168 -14.58 8.40 -38.43
CA ASP B 168 -13.50 9.07 -37.71
C ASP B 168 -14.04 10.27 -36.94
N VAL B 169 -14.43 10.05 -35.69
CA VAL B 169 -15.15 11.06 -34.92
C VAL B 169 -14.53 11.36 -33.56
N LEU B 170 -13.83 10.40 -32.94
CA LEU B 170 -13.36 10.58 -31.57
C LEU B 170 -11.85 10.75 -31.51
N VAL B 171 -11.37 11.52 -30.51
CA VAL B 171 -9.96 11.87 -30.34
C VAL B 171 -9.35 10.99 -29.26
N LYS B 172 -8.15 10.48 -29.53
CA LYS B 172 -7.39 9.72 -28.53
C LYS B 172 -6.75 10.67 -27.51
N PRO B 173 -6.98 10.48 -26.21
CA PRO B 173 -6.32 11.30 -25.20
C PRO B 173 -4.94 10.73 -24.83
N GLU B 174 -4.17 11.56 -24.14
CA GLU B 174 -2.90 11.16 -23.53
C GLU B 174 -2.92 11.47 -22.04
N ILE B 175 -1.98 10.88 -21.32
CA ILE B 175 -1.79 11.14 -19.90
C ILE B 175 -0.77 12.25 -19.74
N ARG B 176 -1.22 13.45 -19.38
CA ARG B 176 -0.29 14.54 -19.10
C ARG B 176 -0.90 15.51 -18.09
N MET B 177 -0.06 15.92 -17.13
CA MET B 177 -0.30 17.04 -16.22
C MET B 177 0.58 18.20 -16.64
N PRO B 178 0.05 19.34 -17.05
CA PRO B 178 0.93 20.43 -17.56
C PRO B 178 2.08 20.88 -16.63
N LYS B 179 1.82 21.14 -15.35
CA LYS B 179 2.87 21.50 -14.38
C LYS B 179 2.72 20.61 -13.16
N VAL B 180 3.70 19.75 -12.91
CA VAL B 180 3.46 18.60 -12.03
C VAL B 180 3.33 19.01 -10.56
N GLY B 181 4.13 19.96 -10.08
CA GLY B 181 4.02 20.27 -8.66
C GLY B 181 4.55 19.19 -7.72
N GLY B 182 5.00 19.60 -6.52
CA GLY B 182 5.76 18.70 -5.67
C GLY B 182 4.94 17.54 -5.16
N ARG B 183 5.64 16.45 -4.82
CA ARG B 183 4.99 15.26 -4.26
C ARG B 183 5.04 15.32 -2.74
N VAL B 184 4.00 14.79 -2.10
CA VAL B 184 3.84 14.91 -0.66
C VAL B 184 3.65 13.51 -0.08
N MET B 185 4.47 13.14 0.91
CA MET B 185 4.42 11.81 1.50
C MET B 185 3.59 11.80 2.79
N SER B 186 3.24 10.59 3.23
CA SER B 186 2.50 10.44 4.46
C SER B 186 3.33 10.92 5.65
N LEU B 187 2.67 11.62 6.58
CA LEU B 187 3.37 12.26 7.67
C LEU B 187 4.04 11.26 8.60
N GLN B 188 3.33 10.17 8.91
CA GLN B 188 3.85 9.10 9.74
C GLN B 188 4.27 7.91 8.91
N ASP B 189 4.62 8.13 7.64
CA ASP B 189 5.14 7.09 6.76
C ASP B 189 5.79 7.71 5.52
N PRO B 190 6.94 8.39 5.65
CA PRO B 190 7.47 9.19 4.53
C PRO B 190 7.92 8.37 3.32
N THR B 191 7.76 7.05 3.32
CA THR B 191 8.02 6.28 2.11
C THR B 191 6.81 6.24 1.19
N ARG B 192 5.62 6.14 1.74
CA ARG B 192 4.39 6.14 0.95
C ARG B 192 3.94 7.57 0.65
N LYS B 193 3.12 7.70 -0.39
CA LYS B 193 2.54 8.99 -0.74
C LYS B 193 1.31 9.23 0.13
N MET B 194 1.08 10.50 0.47
CA MET B 194 -0.08 10.88 1.31
C MET B 194 -1.39 10.53 0.61
N SER B 195 -2.27 9.81 1.29
CA SER B 195 -3.59 9.46 0.70
C SER B 195 -4.72 9.95 1.61
N LYS B 196 -5.84 10.34 1.00
CA LYS B 196 -7.02 10.81 1.77
C LYS B 196 -7.76 9.62 2.37
N SER B 197 -7.36 8.40 2.01
CA SER B 197 -8.09 7.19 2.47
C SER B 197 -7.25 6.40 3.48
N ASP B 198 -6.29 7.06 4.14
CA ASP B 198 -5.40 6.34 5.08
C ASP B 198 -6.17 6.00 6.35
N ASP B 199 -6.03 4.78 6.85
CA ASP B 199 -6.65 4.45 8.14
C ASP B 199 -6.02 5.26 9.28
N ASN B 200 -4.72 5.50 9.19
CA ASN B 200 -4.00 6.34 10.13
C ASN B 200 -4.22 7.79 9.72
N ALA B 201 -5.24 8.42 10.31
CA ALA B 201 -5.59 9.78 9.90
C ALA B 201 -4.47 10.78 10.19
N LYS B 202 -3.53 10.45 11.08
CA LYS B 202 -2.38 11.30 11.33
C LYS B 202 -1.36 11.27 10.20
N ASN B 203 -1.63 10.53 9.11
CA ASN B 203 -0.74 10.45 7.95
C ASN B 203 -1.01 11.53 6.91
N PHE B 204 -2.22 12.10 6.89
CA PHE B 204 -2.57 13.15 5.94
C PHE B 204 -3.17 14.34 6.66
N ILE B 205 -3.10 15.50 6.02
CA ILE B 205 -3.79 16.71 6.45
C ILE B 205 -4.87 17.03 5.41
N SER B 206 -6.13 16.93 5.81
CA SER B 206 -7.22 17.26 4.92
C SER B 206 -7.37 18.78 4.77
N LEU B 207 -7.84 19.20 3.61
CA LEU B 207 -8.12 20.62 3.41
C LEU B 207 -9.26 21.09 4.30
N LEU B 208 -10.04 20.17 4.87
CA LEU B 208 -11.10 20.50 5.81
C LEU B 208 -10.80 20.02 7.23
N ASP B 209 -9.56 19.61 7.51
CA ASP B 209 -9.17 19.37 8.89
C ASP B 209 -9.29 20.66 9.69
N GLU B 210 -9.68 20.53 10.97
CA GLU B 210 -9.66 21.70 11.84
C GLU B 210 -8.22 22.22 11.87
N PRO B 211 -8.01 23.53 11.70
CA PRO B 211 -6.64 24.03 11.57
C PRO B 211 -5.74 23.64 12.75
N ASN B 212 -6.28 23.56 13.96
CA ASN B 212 -5.47 23.12 15.09
C ASN B 212 -5.24 21.61 15.09
N VAL B 213 -6.11 20.83 14.45
CA VAL B 213 -5.82 19.40 14.30
C VAL B 213 -4.67 19.19 13.31
N ALA B 214 -4.65 19.98 12.23
CA ALA B 214 -3.56 19.87 11.27
C ALA B 214 -2.21 20.20 11.92
N ALA B 215 -2.18 21.23 12.77
CA ALA B 215 -0.94 21.62 13.45
C ALA B 215 -0.39 20.47 14.28
N LYS B 216 -1.26 19.77 15.00
CA LYS B 216 -0.84 18.59 15.77
C LYS B 216 -0.29 17.50 14.85
N LYS B 217 -0.87 17.35 13.66
CA LYS B 217 -0.39 16.33 12.73
C LYS B 217 1.01 16.65 12.24
N ILE B 218 1.30 17.93 12.00
CA ILE B 218 2.65 18.31 11.61
C ILE B 218 3.63 17.95 12.73
N LYS B 219 3.29 18.35 13.97
CA LYS B 219 4.22 18.15 15.08
C LYS B 219 4.37 16.68 15.43
N SER B 220 3.47 15.82 14.98
CA SER B 220 3.57 14.39 15.22
C SER B 220 4.11 13.62 14.02
N ALA B 221 4.55 14.32 12.98
CA ALA B 221 5.16 13.63 11.85
C ALA B 221 6.51 13.03 12.27
N VAL B 222 6.82 11.86 11.71
CA VAL B 222 7.88 11.00 12.22
C VAL B 222 9.21 11.46 11.61
N THR B 223 9.84 12.39 12.35
CA THR B 223 11.19 12.87 12.02
C THR B 223 11.92 12.83 13.33
N ASP B 224 13.21 12.50 13.31
CA ASP B 224 13.97 12.29 14.57
C ASP B 224 14.57 13.62 14.95
N SER B 225 15.33 13.68 16.02
CA SER B 225 15.96 14.98 16.26
C SER B 225 17.30 14.99 15.51
N ASP B 226 17.32 14.92 14.18
CA ASP B 226 18.67 15.02 13.58
C ASP B 226 19.10 16.48 13.69
N GLY B 227 18.14 17.37 13.90
CA GLY B 227 18.47 18.81 14.07
C GLY B 227 19.07 19.38 12.80
N ILE B 228 19.17 18.58 11.75
CA ILE B 228 19.75 19.04 10.48
C ILE B 228 18.62 19.21 9.46
N ILE B 229 18.33 20.46 9.10
CA ILE B 229 17.25 20.77 8.17
C ILE B 229 17.86 20.96 6.80
N LYS B 230 18.06 19.84 6.11
CA LYS B 230 18.54 19.86 4.74
C LYS B 230 17.76 18.82 3.95
N PHE B 231 17.58 19.09 2.67
CA PHE B 231 16.77 18.23 1.81
C PHE B 231 17.59 17.00 1.42
N ASP B 232 17.13 15.83 1.86
CA ASP B 232 17.79 14.55 1.55
C ASP B 232 16.73 13.44 1.55
N ARG B 233 16.21 13.12 0.37
CA ARG B 233 15.13 12.13 0.28
C ARG B 233 15.60 10.75 0.78
N ASP B 234 16.90 10.49 0.78
CA ASP B 234 17.48 9.31 1.39
C ASP B 234 18.19 9.69 2.70
N ASN B 235 18.18 8.77 3.66
CA ASN B 235 18.76 8.96 4.99
C ASN B 235 17.92 9.91 5.86
N LYS B 236 16.98 10.61 5.25
CA LYS B 236 16.15 11.48 6.04
C LYS B 236 14.83 11.80 5.34
N PRO B 237 14.05 10.80 4.92
CA PRO B 237 12.81 11.13 4.19
C PRO B 237 11.79 11.88 5.04
N GLY B 238 11.80 11.67 6.36
CA GLY B 238 10.85 12.31 7.23
C GLY B 238 10.93 13.81 7.19
N ILE B 239 12.10 14.38 7.50
CA ILE B 239 12.24 15.83 7.57
C ILE B 239 12.16 16.46 6.18
N THR B 240 12.59 15.76 5.13
CA THR B 240 12.51 16.32 3.78
C THR B 240 11.08 16.48 3.30
N ASN B 241 10.21 15.54 3.64
CA ASN B 241 8.80 15.70 3.32
C ASN B 241 8.25 16.99 3.91
N LEU B 242 8.67 17.31 5.14
CA LEU B 242 8.21 18.54 5.79
C LEU B 242 8.79 19.79 5.13
N ILE B 243 9.96 19.69 4.53
CA ILE B 243 10.43 20.83 3.74
C ILE B 243 9.63 20.93 2.45
N SER B 244 9.30 19.79 1.83
CA SER B 244 8.40 19.78 0.69
C SER B 244 7.11 20.52 1.01
N ILE B 245 6.46 20.15 2.12
CA ILE B 245 5.21 20.81 2.51
C ILE B 245 5.44 22.29 2.74
N TYR B 246 6.55 22.64 3.39
CA TYR B 246 6.85 24.04 3.65
C TYR B 246 6.94 24.82 2.34
N ALA B 247 7.64 24.25 1.36
CA ALA B 247 7.78 24.91 0.07
C ALA B 247 6.45 25.10 -0.63
N GLY B 248 5.61 24.06 -0.60
CA GLY B 248 4.34 24.14 -1.31
C GLY B 248 3.49 25.30 -0.86
N LEU B 249 3.40 25.51 0.46
CA LEU B 249 2.47 26.50 1.00
C LEU B 249 3.03 27.91 1.04
N THR B 250 4.34 28.11 0.82
CA THR B 250 4.91 29.45 0.80
C THR B 250 5.55 29.82 -0.53
N ASP B 251 5.73 28.86 -1.43
CA ASP B 251 6.40 29.00 -2.73
C ASP B 251 7.87 29.30 -2.58
N MET B 252 8.37 29.44 -1.35
CA MET B 252 9.78 29.74 -1.14
C MET B 252 10.65 28.55 -1.53
N PRO B 253 11.77 28.78 -2.22
CA PRO B 253 12.56 27.66 -2.76
C PRO B 253 13.27 26.86 -1.68
N ILE B 254 13.53 25.59 -2.00
CA ILE B 254 14.07 24.65 -1.01
C ILE B 254 15.41 25.15 -0.48
N LYS B 255 16.26 25.66 -1.38
CA LYS B 255 17.58 26.11 -0.96
C LYS B 255 17.49 27.30 0.00
N ASP B 256 16.48 28.17 -0.17
CA ASP B 256 16.29 29.26 0.77
C ASP B 256 15.60 28.82 2.06
N ILE B 257 14.96 27.64 2.06
CA ILE B 257 14.36 27.15 3.30
C ILE B 257 15.43 26.76 4.30
N GLU B 258 16.35 25.88 3.88
CA GLU B 258 17.49 25.52 4.71
C GLU B 258 18.32 26.75 5.07
N ALA B 259 18.24 27.81 4.26
CA ALA B 259 18.95 29.04 4.57
C ALA B 259 18.41 29.67 5.85
N LYS B 260 17.10 29.80 5.95
CA LYS B 260 16.47 30.42 7.15
C LYS B 260 16.78 29.56 8.39
N TYR B 261 17.24 28.34 8.19
CA TYR B 261 17.47 27.43 9.36
C TYR B 261 18.95 27.03 9.39
N GLU B 262 19.77 27.84 10.05
CA GLU B 262 21.19 27.47 10.25
C GLU B 262 21.28 26.79 11.63
N GLY B 263 21.47 25.47 11.66
CA GLY B 263 21.53 24.72 12.94
C GLY B 263 20.41 25.07 13.90
N GLU B 264 19.16 25.10 13.41
CA GLU B 264 18.02 25.56 14.25
C GLU B 264 17.21 24.38 14.83
N GLY B 265 17.81 23.19 14.91
CA GLY B 265 17.10 22.01 15.44
C GLY B 265 15.87 21.71 14.61
N TYR B 266 14.79 21.24 15.24
CA TYR B 266 13.52 21.01 14.51
C TYR B 266 12.41 21.77 15.21
N GLY B 267 12.57 21.99 16.51
CA GLY B 267 11.58 22.74 17.27
C GLY B 267 11.20 23.95 16.47
N LYS B 268 12.16 24.82 16.17
CA LYS B 268 11.74 26.04 15.48
C LYS B 268 11.18 25.71 14.10
N PHE B 269 11.61 24.58 13.51
CA PHE B 269 11.10 24.22 12.17
C PHE B 269 9.66 23.76 12.25
N LYS B 270 9.41 22.63 12.92
CA LYS B 270 8.05 22.10 13.00
C LYS B 270 7.08 23.13 13.57
N GLY B 271 7.50 23.87 14.59
CA GLY B 271 6.62 24.87 15.17
C GLY B 271 6.28 25.99 14.19
N ASP B 272 7.22 26.33 13.32
CA ASP B 272 6.85 27.33 12.27
C ASP B 272 6.04 26.58 11.21
N LEU B 273 6.33 25.29 11.03
CA LEU B 273 5.58 24.52 10.05
C LEU B 273 4.21 24.07 10.57
N ALA B 274 3.93 24.27 11.86
CA ALA B 274 2.54 24.13 12.26
C ALA B 274 1.77 25.41 11.95
N GLU B 275 2.40 26.57 12.11
CA GLU B 275 1.67 27.84 12.07
C GLU B 275 1.27 28.26 10.65
N ILE B 276 2.17 28.11 9.67
CA ILE B 276 1.84 28.33 8.26
C ILE B 276 0.75 27.36 7.81
N VAL B 277 0.86 26.07 8.16
CA VAL B 277 -0.19 25.12 7.82
C VAL B 277 -1.50 25.55 8.43
N LYS B 278 -1.47 25.95 9.70
CA LYS B 278 -2.67 26.41 10.39
C LYS B 278 -3.20 27.68 9.73
N ALA B 279 -2.31 28.63 9.41
CA ALA B 279 -2.76 29.86 8.76
C ALA B 279 -3.27 29.60 7.34
N PHE B 280 -2.60 28.72 6.59
CA PHE B 280 -3.08 28.38 5.25
C PHE B 280 -4.49 27.81 5.31
N LEU B 281 -4.70 26.84 6.21
CA LEU B 281 -6.03 26.25 6.32
C LEU B 281 -7.06 27.27 6.77
N VAL B 282 -6.67 28.18 7.66
CA VAL B 282 -7.59 29.23 8.12
C VAL B 282 -8.08 30.06 6.94
N GLU B 283 -7.16 30.54 6.11
CA GLU B 283 -7.54 31.33 4.95
C GLU B 283 -8.30 30.49 3.92
N PHE B 284 -7.83 29.27 3.65
CA PHE B 284 -8.50 28.46 2.63
C PHE B 284 -9.93 28.15 3.03
N GLN B 285 -10.14 27.71 4.27
CA GLN B 285 -11.47 27.38 4.72
C GLN B 285 -12.37 28.61 4.73
N GLU B 286 -11.78 29.81 4.82
CA GLU B 286 -12.58 31.02 4.69
C GLU B 286 -13.26 31.09 3.33
N LYS B 287 -12.48 30.94 2.26
CA LYS B 287 -13.08 30.94 0.91
C LYS B 287 -14.02 29.75 0.74
N TYR B 288 -13.62 28.58 1.24
CA TYR B 288 -14.45 27.40 1.15
C TYR B 288 -15.84 27.67 1.73
N GLU B 289 -15.88 28.18 2.96
CA GLU B 289 -17.18 28.48 3.59
C GLU B 289 -17.94 29.54 2.81
N SER B 290 -17.21 30.46 2.16
CA SER B 290 -17.85 31.48 1.34
C SER B 290 -18.65 30.85 0.20
N PHE B 291 -18.04 29.93 -0.55
CA PHE B 291 -18.75 29.28 -1.65
C PHE B 291 -19.74 28.25 -1.14
N TYR B 292 -19.30 27.34 -0.27
CA TYR B 292 -20.15 26.23 0.14
C TYR B 292 -21.48 26.71 0.69
N ASN B 293 -21.51 27.89 1.29
CA ASN B 293 -22.70 28.44 1.90
C ASN B 293 -23.42 29.45 1.03
N SER B 294 -22.86 29.87 -0.10
CA SER B 294 -23.46 30.98 -0.82
C SER B 294 -24.48 30.48 -1.83
N ASP B 295 -25.53 31.28 -2.02
CA ASP B 295 -26.56 30.97 -3.02
C ASP B 295 -26.06 31.17 -4.44
N LYS B 296 -24.85 31.74 -4.60
CA LYS B 296 -24.23 31.82 -5.91
C LYS B 296 -23.60 30.50 -6.36
N LEU B 297 -23.46 29.52 -5.46
CA LEU B 297 -22.88 28.24 -5.84
C LEU B 297 -23.72 27.57 -6.92
N ASP B 298 -25.04 27.49 -6.70
CA ASP B 298 -25.90 26.80 -7.66
C ASP B 298 -25.90 27.51 -9.01
N ASP B 299 -25.76 28.83 -9.04
CA ASP B 299 -25.56 29.51 -10.31
C ASP B 299 -24.28 29.02 -10.98
N ILE B 300 -23.19 28.94 -10.21
CA ILE B 300 -21.89 28.57 -10.78
C ILE B 300 -21.98 27.20 -11.45
N LEU B 301 -22.61 26.23 -10.79
CA LEU B 301 -22.71 24.88 -11.34
C LEU B 301 -23.67 24.81 -12.55
N ASP B 302 -24.72 25.64 -12.59
CA ASP B 302 -25.59 25.71 -13.79
C ASP B 302 -24.79 26.18 -15.00
N GLN B 303 -23.91 27.15 -14.81
CA GLN B 303 -23.12 27.67 -15.92
C GLN B 303 -22.18 26.60 -16.46
N GLY B 304 -21.56 25.83 -15.58
CA GLY B 304 -20.72 24.75 -16.05
C GLY B 304 -21.52 23.66 -16.75
N ARG B 305 -22.69 23.34 -16.18
CA ARG B 305 -23.54 22.30 -16.77
C ARG B 305 -23.96 22.68 -18.17
N ASP B 306 -24.37 23.93 -18.35
CA ASP B 306 -24.77 24.37 -19.68
C ASP B 306 -23.60 24.33 -20.63
N LYS B 307 -22.42 24.74 -20.14
CA LYS B 307 -21.21 24.71 -20.94
C LYS B 307 -20.89 23.30 -21.43
N ALA B 308 -20.85 22.34 -20.50
CA ALA B 308 -20.45 20.99 -20.88
C ALA B 308 -21.49 20.35 -21.77
N HIS B 309 -22.77 20.68 -21.54
CA HIS B 309 -23.84 20.18 -22.39
C HIS B 309 -23.62 20.57 -23.84
N LYS B 310 -23.26 21.83 -24.08
CA LYS B 310 -23.14 22.28 -25.45
C LYS B 310 -22.05 21.50 -26.19
N VAL B 311 -20.94 21.20 -25.49
CA VAL B 311 -19.84 20.49 -26.15
C VAL B 311 -20.19 19.01 -26.33
N SER B 312 -20.68 18.35 -25.28
CA SER B 312 -20.84 16.92 -25.39
C SER B 312 -22.04 16.54 -26.27
N PHE B 313 -23.02 17.44 -26.42
CA PHE B 313 -24.16 17.14 -27.27
C PHE B 313 -23.70 16.84 -28.70
N LYS B 314 -22.84 17.69 -29.25
CA LYS B 314 -22.33 17.48 -30.62
C LYS B 314 -21.62 16.13 -30.76
N THR B 315 -20.75 15.79 -29.81
CA THR B 315 -20.05 14.50 -29.89
C THR B 315 -21.05 13.35 -29.84
N VAL B 316 -21.99 13.41 -28.90
CA VAL B 316 -23.04 12.39 -28.80
C VAL B 316 -23.80 12.26 -30.12
N LYS B 317 -24.13 13.38 -30.75
CA LYS B 317 -24.91 13.30 -32.00
C LYS B 317 -24.08 12.69 -33.12
N LYS B 318 -22.78 13.04 -33.19
CA LYS B 318 -21.91 12.41 -34.19
C LYS B 318 -21.83 10.90 -33.97
N MET B 319 -21.66 10.47 -32.71
CA MET B 319 -21.61 9.04 -32.40
C MET B 319 -22.91 8.35 -32.78
N GLU B 320 -24.04 8.93 -32.33
CA GLU B 320 -25.35 8.36 -32.66
C GLU B 320 -25.53 8.21 -34.16
N LYS B 321 -25.22 9.25 -34.93
CA LYS B 321 -25.34 9.15 -36.37
C LYS B 321 -24.49 8.02 -36.93
N ALA B 322 -23.23 7.89 -36.45
CA ALA B 322 -22.34 6.87 -36.99
C ALA B 322 -22.85 5.47 -36.71
N MET B 323 -23.50 5.26 -35.54
CA MET B 323 -24.07 3.96 -35.22
C MET B 323 -25.47 3.73 -35.82
N GLY B 324 -26.13 4.75 -36.37
CA GLY B 324 -27.48 4.52 -36.87
C GLY B 324 -28.58 4.57 -35.84
N LEU B 325 -28.31 5.03 -34.63
CA LEU B 325 -29.37 5.26 -33.66
C LEU B 325 -30.25 6.42 -34.09
N GLY B 326 -31.45 6.48 -33.49
CA GLY B 326 -32.38 7.59 -33.74
C GLY B 326 -32.80 7.68 -35.19
N ARG B 327 -32.96 8.92 -35.67
CA ARG B 327 -33.46 9.18 -37.02
C ARG B 327 -32.62 10.26 -37.68
N LYS B 328 -32.70 10.31 -39.01
CA LYS B 328 -32.09 11.40 -39.75
C LYS B 328 -32.79 12.71 -39.43
N ARG B 329 -32.01 13.72 -39.05
CA ARG B 329 -32.56 15.00 -38.63
C ARG B 329 -32.93 15.85 -39.86
N MET C 1 -5.42 -5.71 47.90
CA MET C 1 -5.07 -6.58 46.79
C MET C 1 -6.16 -6.52 45.74
N GLU C 2 -5.80 -6.07 44.53
CA GLU C 2 -6.74 -6.03 43.43
C GLU C 2 -7.10 -7.43 42.96
N THR C 3 -8.28 -7.56 42.35
CA THR C 3 -8.66 -8.81 41.72
C THR C 3 -8.52 -8.66 40.21
N LEU C 4 -7.90 -9.66 39.59
CA LEU C 4 -7.78 -9.75 38.14
C LEU C 4 -8.57 -10.96 37.62
N PHE C 5 -9.30 -10.76 36.53
CA PHE C 5 -10.07 -11.82 35.88
C PHE C 5 -9.68 -11.92 34.42
N SER C 6 -9.36 -13.14 33.98
CA SER C 6 -9.03 -13.42 32.59
C SER C 6 -9.88 -14.59 32.11
N GLY C 7 -10.67 -14.37 31.05
CA GLY C 7 -11.43 -15.44 30.42
C GLY C 7 -10.67 -16.02 29.24
N ILE C 8 -10.56 -17.35 29.22
CA ILE C 8 -9.75 -18.08 28.25
C ILE C 8 -10.66 -18.86 27.32
N GLN C 9 -10.56 -18.60 26.01
CA GLN C 9 -11.33 -19.37 25.03
C GLN C 9 -10.75 -20.77 24.88
N PRO C 10 -11.56 -21.82 25.02
CA PRO C 10 -11.02 -23.18 24.86
C PRO C 10 -10.31 -23.41 23.53
N SER C 11 -10.71 -22.72 22.47
CA SER C 11 -10.11 -22.98 21.16
C SER C 11 -8.83 -22.18 20.92
N GLY C 12 -8.40 -21.36 21.86
CA GLY C 12 -7.26 -20.51 21.63
C GLY C 12 -5.96 -21.03 22.22
N ILE C 13 -5.13 -21.68 21.41
CA ILE C 13 -3.83 -22.16 21.88
C ILE C 13 -2.88 -20.97 21.97
N PRO C 14 -2.41 -20.60 23.16
CA PRO C 14 -1.54 -19.42 23.28
C PRO C 14 -0.23 -19.62 22.51
N THR C 15 0.34 -18.50 22.06
CA THR C 15 1.57 -18.46 21.28
C THR C 15 2.76 -18.12 22.18
N ILE C 16 3.95 -18.19 21.57
CA ILE C 16 5.15 -17.72 22.25
C ILE C 16 5.02 -16.23 22.56
N GLY C 17 4.28 -15.50 21.72
CA GLY C 17 3.98 -14.11 22.03
C GLY C 17 3.05 -13.94 23.21
N ASN C 18 2.03 -14.81 23.33
CA ASN C 18 1.16 -14.77 24.52
C ASN C 18 1.95 -15.15 25.77
N TYR C 19 2.77 -16.18 25.68
CA TYR C 19 3.60 -16.59 26.81
C TYR C 19 4.45 -15.44 27.29
N ILE C 20 5.15 -14.78 26.37
CA ILE C 20 6.08 -13.72 26.75
C ILE C 20 5.34 -12.50 27.27
N GLY C 21 4.26 -12.10 26.58
CA GLY C 21 3.57 -10.87 26.94
C GLY C 21 2.75 -10.99 28.22
N ALA C 22 2.08 -12.13 28.41
CA ALA C 22 1.17 -12.28 29.53
C ALA C 22 1.48 -13.48 30.42
N LEU C 23 1.62 -14.67 29.86
CA LEU C 23 1.61 -15.87 30.70
C LEU C 23 2.81 -15.89 31.65
N LYS C 24 4.01 -15.58 31.13
CA LYS C 24 5.20 -15.58 31.98
C LYS C 24 5.08 -14.57 33.12
N GLN C 25 4.53 -13.38 32.81
CA GLN C 25 4.34 -12.36 33.84
C GLN C 25 3.33 -12.81 34.90
N PHE C 26 2.24 -13.48 34.49
CA PHE C 26 1.26 -13.96 35.46
C PHE C 26 1.90 -14.87 36.50
N VAL C 27 2.99 -15.55 36.15
CA VAL C 27 3.67 -16.36 37.17
C VAL C 27 4.21 -15.46 38.27
N ASP C 28 4.55 -14.21 37.92
CA ASP C 28 5.02 -13.23 38.90
C ASP C 28 3.84 -12.55 39.60
N VAL C 29 2.88 -12.01 38.84
CA VAL C 29 1.82 -11.20 39.42
C VAL C 29 0.82 -12.00 40.24
N GLN C 30 0.83 -13.33 40.13
CA GLN C 30 -0.10 -14.13 40.92
C GLN C 30 0.20 -14.06 42.42
N ASN C 31 1.31 -13.45 42.81
CA ASN C 31 1.65 -13.35 44.26
C ASN C 31 1.10 -12.04 44.81
N ASP C 32 0.83 -11.06 43.94
CA ASP C 32 0.43 -9.73 44.43
C ASP C 32 -1.00 -9.37 44.02
N TYR C 33 -1.71 -10.25 43.31
CA TYR C 33 -3.09 -9.95 42.82
C TYR C 33 -3.97 -11.18 42.95
N ASP C 34 -5.27 -10.99 43.25
CA ASP C 34 -6.23 -12.12 43.28
C ASP C 34 -6.54 -12.45 41.82
N CYS C 35 -6.04 -13.57 41.34
CA CYS C 35 -6.10 -13.87 39.91
C CYS C 35 -7.08 -15.00 39.61
N TYR C 36 -7.91 -14.75 38.61
CA TYR C 36 -8.92 -15.74 38.15
C TYR C 36 -8.67 -16.08 36.69
N PHE C 37 -8.52 -17.35 36.39
CA PHE C 37 -8.31 -17.84 35.03
C PHE C 37 -9.44 -18.81 34.72
N CYS C 38 -10.35 -18.38 33.85
CA CYS C 38 -11.63 -19.06 33.63
C CYS C 38 -11.72 -19.54 32.20
N ILE C 39 -11.79 -20.85 32.00
CA ILE C 39 -11.92 -21.46 30.68
C ILE C 39 -13.40 -21.40 30.29
N VAL C 40 -13.74 -20.56 29.32
CA VAL C 40 -15.15 -20.17 29.08
C VAL C 40 -15.71 -21.14 28.03
N ASP C 41 -16.06 -22.34 28.50
CA ASP C 41 -16.64 -23.31 27.58
C ASP C 41 -18.09 -22.91 27.20
N GLN C 42 -18.78 -22.17 28.07
CA GLN C 42 -20.13 -21.69 27.73
C GLN C 42 -20.10 -20.58 26.69
N HIS C 43 -18.99 -19.86 26.53
CA HIS C 43 -18.89 -18.96 25.38
C HIS C 43 -18.49 -19.72 24.12
N ALA C 44 -17.75 -20.81 24.26
CA ALA C 44 -17.34 -21.57 23.07
C ALA C 44 -18.55 -22.10 22.29
N ILE C 45 -19.63 -22.45 22.98
CA ILE C 45 -20.78 -23.07 22.31
C ILE C 45 -21.70 -22.03 21.66
N THR C 46 -21.31 -20.75 21.67
CA THR C 46 -22.07 -19.81 20.86
C THR C 46 -21.87 -20.07 19.39
N MET C 47 -20.80 -20.77 19.01
CA MET C 47 -20.78 -21.41 17.70
C MET C 47 -20.95 -22.91 17.90
N PRO C 48 -21.57 -23.63 16.95
CA PRO C 48 -21.67 -25.09 17.10
C PRO C 48 -20.28 -25.72 17.19
N GLN C 49 -20.15 -26.67 18.11
CA GLN C 49 -18.89 -27.31 18.43
C GLN C 49 -19.08 -28.81 18.48
N ASP C 50 -18.03 -29.51 18.03
CA ASP C 50 -18.01 -30.99 18.14
C ASP C 50 -17.74 -31.30 19.61
N ARG C 51 -18.49 -32.22 20.20
CA ARG C 51 -18.39 -32.42 21.65
C ARG C 51 -17.00 -32.92 22.06
N LEU C 52 -16.42 -33.87 21.32
CA LEU C 52 -15.12 -34.41 21.72
C LEU C 52 -14.03 -33.39 21.51
N LYS C 53 -14.08 -32.63 20.42
CA LYS C 53 -13.08 -31.58 20.20
C LYS C 53 -13.12 -30.57 21.33
N LEU C 54 -14.34 -30.16 21.76
CA LEU C 54 -14.46 -29.14 22.80
C LEU C 54 -13.94 -29.63 24.15
N ARG C 55 -14.24 -30.87 24.52
CA ARG C 55 -13.74 -31.38 25.80
C ARG C 55 -12.22 -31.49 25.79
N LYS C 56 -11.65 -31.97 24.67
CA LYS C 56 -10.21 -32.03 24.54
C LYS C 56 -9.59 -30.64 24.64
N GLN C 57 -10.19 -29.66 23.96
CA GLN C 57 -9.66 -28.30 23.98
C GLN C 57 -9.64 -27.74 25.39
N THR C 58 -10.73 -27.97 26.13
CA THR C 58 -10.77 -27.47 27.50
C THR C 58 -9.62 -28.04 28.33
N ARG C 59 -9.35 -29.34 28.19
CA ARG C 59 -8.26 -29.97 28.94
C ARG C 59 -6.91 -29.39 28.51
N GLN C 60 -6.71 -29.19 27.20
CA GLN C 60 -5.44 -28.70 26.70
C GLN C 60 -5.10 -27.32 27.26
N LEU C 61 -6.08 -26.42 27.26
CA LEU C 61 -5.83 -25.08 27.78
C LEU C 61 -5.49 -25.10 29.26
N ALA C 62 -6.17 -25.93 30.04
CA ALA C 62 -5.83 -26.01 31.45
C ALA C 62 -4.38 -26.45 31.62
N ALA C 63 -4.02 -27.52 30.91
CA ALA C 63 -2.66 -28.05 30.94
C ALA C 63 -1.66 -27.01 30.46
N ILE C 64 -2.05 -26.16 29.50
CA ILE C 64 -1.14 -25.14 29.01
C ILE C 64 -0.86 -24.11 30.09
N TYR C 65 -1.92 -23.63 30.76
CA TYR C 65 -1.75 -22.61 31.78
C TYR C 65 -0.93 -23.13 32.96
N LEU C 66 -1.12 -24.40 33.34
CA LEU C 66 -0.38 -24.97 34.46
C LEU C 66 1.08 -25.20 34.08
N ALA C 67 1.31 -25.77 32.89
CA ALA C 67 2.66 -25.92 32.37
C ALA C 67 3.38 -24.57 32.28
N SER C 68 2.64 -23.47 32.13
CA SER C 68 3.32 -22.18 32.10
C SER C 68 3.69 -21.66 33.47
N GLY C 69 3.16 -22.25 34.53
CA GLY C 69 3.51 -21.80 35.87
C GLY C 69 2.38 -21.21 36.68
N ILE C 70 1.14 -21.26 36.18
CA ILE C 70 0.00 -20.82 37.00
C ILE C 70 -0.15 -21.76 38.19
N ASP C 71 -0.22 -21.19 39.39
CA ASP C 71 -0.23 -21.96 40.62
C ASP C 71 -1.65 -22.09 41.13
N PRO C 72 -2.18 -23.31 41.21
CA PRO C 72 -3.59 -23.46 41.63
C PRO C 72 -3.85 -23.09 43.08
N ASP C 73 -2.82 -22.87 43.90
CA ASP C 73 -3.02 -22.33 45.24
C ASP C 73 -2.98 -20.81 45.27
N LYS C 74 -2.24 -20.19 44.37
CA LYS C 74 -2.18 -18.74 44.36
C LYS C 74 -3.30 -18.15 43.52
N ALA C 75 -3.54 -18.74 42.34
CA ALA C 75 -4.57 -18.30 41.41
C ALA C 75 -5.76 -19.25 41.46
N THR C 76 -6.87 -18.82 40.85
CA THR C 76 -8.04 -19.67 40.72
C THR C 76 -8.22 -20.01 39.23
N LEU C 77 -8.00 -21.29 38.90
CA LEU C 77 -8.09 -21.79 37.53
C LEU C 77 -9.28 -22.74 37.42
N PHE C 78 -10.26 -22.37 36.58
CA PHE C 78 -11.50 -23.16 36.57
C PHE C 78 -12.23 -23.07 35.23
N ILE C 79 -13.15 -24.02 35.06
CA ILE C 79 -14.03 -24.13 33.90
C ILE C 79 -15.37 -23.45 34.19
N GLN C 80 -15.78 -22.54 33.31
CA GLN C 80 -16.96 -21.70 33.54
C GLN C 80 -18.22 -22.51 33.80
N SER C 81 -18.50 -23.53 32.97
CA SER C 81 -19.80 -24.21 33.08
C SER C 81 -19.97 -24.96 34.39
N GLU C 82 -18.88 -25.18 35.14
CA GLU C 82 -18.91 -25.89 36.42
C GLU C 82 -19.26 -25.00 37.59
N VAL C 83 -19.37 -23.70 37.36
CA VAL C 83 -19.76 -22.72 38.36
C VAL C 83 -21.07 -22.08 37.94
N PRO C 84 -22.20 -22.50 38.53
CA PRO C 84 -23.52 -22.05 38.03
C PRO C 84 -23.73 -20.56 38.03
N ALA C 85 -23.05 -19.82 38.92
CA ALA C 85 -23.36 -18.40 39.05
C ALA C 85 -23.12 -17.63 37.76
N HIS C 86 -22.32 -18.18 36.86
CA HIS C 86 -22.05 -17.45 35.63
C HIS C 86 -23.32 -17.24 34.80
N VAL C 87 -24.11 -18.31 34.57
CA VAL C 87 -25.36 -18.07 33.86
C VAL C 87 -26.44 -17.48 34.78
N GLN C 88 -26.36 -17.69 36.08
CA GLN C 88 -27.34 -17.06 36.98
C GLN C 88 -27.24 -15.54 36.89
N ALA C 89 -26.02 -15.00 37.04
CA ALA C 89 -25.82 -13.56 36.96
C ALA C 89 -25.88 -13.05 35.53
N GLY C 90 -25.51 -13.87 34.55
CA GLY C 90 -25.69 -13.48 33.17
C GLY C 90 -27.15 -13.24 32.81
N TRP C 91 -28.05 -14.07 33.33
CA TRP C 91 -29.47 -13.87 33.07
C TRP C 91 -29.98 -12.57 33.70
N MET C 92 -29.61 -12.30 34.95
CA MET C 92 -30.05 -11.07 35.59
C MET C 92 -29.56 -9.85 34.82
N LEU C 93 -28.30 -9.86 34.35
CA LEU C 93 -27.79 -8.71 33.63
C LEU C 93 -28.41 -8.60 32.24
N THR C 94 -28.76 -9.75 31.63
CA THR C 94 -29.49 -9.71 30.37
C THR C 94 -30.78 -8.90 30.49
N THR C 95 -31.48 -9.00 31.63
CA THR C 95 -32.79 -8.36 31.72
C THR C 95 -32.71 -6.83 31.74
N ILE C 96 -31.56 -6.25 32.06
CA ILE C 96 -31.43 -4.79 32.09
C ILE C 96 -30.69 -4.25 30.87
N ALA C 97 -30.19 -5.10 30.00
CA ALA C 97 -29.65 -4.65 28.73
C ALA C 97 -30.78 -4.37 27.75
N SER C 98 -30.45 -3.75 26.61
CA SER C 98 -31.41 -3.55 25.54
C SER C 98 -30.90 -4.21 24.27
N VAL C 99 -31.85 -4.62 23.41
CA VAL C 99 -31.45 -5.31 22.18
C VAL C 99 -30.64 -4.37 21.30
N GLY C 100 -30.91 -3.06 21.37
CA GLY C 100 -30.13 -2.11 20.60
C GLY C 100 -28.66 -2.15 20.97
N GLU C 101 -28.34 -2.09 22.27
CA GLU C 101 -26.95 -2.18 22.71
C GLU C 101 -26.29 -3.42 22.14
N LEU C 102 -26.97 -4.57 22.28
CA LEU C 102 -26.40 -5.82 21.81
C LEU C 102 -26.25 -5.82 20.29
N GLU C 103 -27.22 -5.25 19.58
CA GLU C 103 -27.15 -5.23 18.12
C GLU C 103 -26.00 -4.38 17.62
N ARG C 104 -25.56 -3.39 18.42
CA ARG C 104 -24.43 -2.55 18.03
C ARG C 104 -23.07 -3.17 18.28
N MET C 105 -23.00 -4.30 19.00
CA MET C 105 -21.71 -4.98 19.12
C MET C 105 -21.36 -5.68 17.81
N THR C 106 -22.21 -6.61 17.36
CA THR C 106 -22.14 -7.15 16.00
C THR C 106 -23.52 -7.64 15.54
N GLU C 117 -28.61 -20.80 6.65
CA GLU C 117 -29.71 -20.75 7.62
C GLU C 117 -29.60 -19.52 8.54
N GLY C 118 -30.04 -19.67 9.80
CA GLY C 118 -30.10 -18.55 10.71
C GLY C 118 -28.80 -18.31 11.47
N ILE C 119 -28.73 -17.13 12.07
CA ILE C 119 -27.60 -16.67 12.87
C ILE C 119 -27.75 -17.16 14.31
N PRO C 120 -26.85 -18.00 14.82
CA PRO C 120 -27.00 -18.53 16.19
C PRO C 120 -27.11 -17.40 17.22
N ALA C 121 -28.07 -17.56 18.14
CA ALA C 121 -28.49 -16.42 18.97
C ALA C 121 -27.48 -16.09 20.05
N GLY C 122 -26.63 -17.05 20.42
CA GLY C 122 -25.57 -16.74 21.37
C GLY C 122 -24.63 -15.67 20.85
N LEU C 123 -24.46 -15.59 19.53
CA LEU C 123 -23.63 -14.54 18.97
C LEU C 123 -24.16 -13.17 19.38
N LEU C 124 -25.48 -13.04 19.48
CA LEU C 124 -26.07 -11.75 19.83
C LEU C 124 -26.15 -11.54 21.34
N THR C 125 -26.45 -12.58 22.11
CA THR C 125 -26.78 -12.44 23.51
C THR C 125 -25.60 -12.66 24.46
N TYR C 126 -24.41 -12.97 23.96
CA TYR C 126 -23.37 -13.30 24.93
C TYR C 126 -22.79 -12.16 25.77
N PRO C 127 -22.77 -10.90 25.34
CA PRO C 127 -22.05 -9.85 26.12
C PRO C 127 -22.47 -9.79 27.59
N PRO C 128 -23.76 -9.84 27.93
CA PRO C 128 -24.09 -9.78 29.37
C PRO C 128 -23.58 -10.98 30.13
N LEU C 129 -23.42 -12.13 29.46
CA LEU C 129 -22.80 -13.27 30.11
C LEU C 129 -21.31 -13.03 30.32
N MET C 130 -20.66 -12.35 29.37
CA MET C 130 -19.28 -11.91 29.59
C MET C 130 -19.18 -10.98 30.78
N ALA C 131 -20.12 -10.03 30.87
CA ALA C 131 -20.11 -9.08 31.98
C ALA C 131 -20.28 -9.81 33.30
N ALA C 132 -21.18 -10.80 33.34
CA ALA C 132 -21.32 -11.59 34.56
C ALA C 132 -20.02 -12.27 34.95
N ASP C 133 -19.29 -12.82 33.96
CA ASP C 133 -18.05 -13.55 34.26
C ASP C 133 -17.13 -12.67 35.10
N ILE C 134 -17.06 -11.39 34.78
CA ILE C 134 -16.13 -10.47 35.40
C ILE C 134 -16.62 -10.02 36.77
N VAL C 135 -17.84 -9.50 36.84
CA VAL C 135 -18.31 -8.88 38.08
C VAL C 135 -18.56 -9.90 39.19
N LEU C 136 -18.77 -11.17 38.85
CA LEU C 136 -19.01 -12.16 39.90
C LEU C 136 -17.90 -12.19 40.93
N TYR C 137 -16.68 -11.79 40.56
CA TYR C 137 -15.53 -11.86 41.45
C TYR C 137 -15.04 -10.48 41.88
N ASN C 138 -15.90 -9.47 41.78
CA ASN C 138 -15.57 -8.08 42.14
C ASN C 138 -14.25 -7.67 41.52
N THR C 139 -14.15 -7.90 40.21
CA THR C 139 -12.90 -7.75 39.49
C THR C 139 -12.54 -6.28 39.31
N ASN C 140 -11.26 -5.97 39.50
CA ASN C 140 -10.78 -4.63 39.25
C ASN C 140 -10.19 -4.47 37.86
N ILE C 141 -9.40 -5.44 37.39
CA ILE C 141 -8.70 -5.31 36.12
C ILE C 141 -8.93 -6.55 35.26
N VAL C 142 -9.11 -6.33 33.97
CA VAL C 142 -9.18 -7.40 32.98
C VAL C 142 -8.02 -7.17 32.01
N PRO C 143 -7.15 -8.14 31.82
CA PRO C 143 -6.02 -7.96 30.86
C PRO C 143 -6.37 -8.29 29.41
N VAL C 144 -6.99 -7.34 28.70
CA VAL C 144 -7.46 -7.57 27.33
C VAL C 144 -7.11 -6.37 26.45
N GLY C 145 -7.20 -6.56 25.14
CA GLY C 145 -6.78 -5.57 24.16
C GLY C 145 -7.88 -4.62 23.74
N ASP C 146 -7.59 -3.87 22.67
CA ASP C 146 -8.54 -2.89 22.14
C ASP C 146 -9.75 -3.52 21.49
N ASP C 147 -9.64 -4.77 21.03
CA ASP C 147 -10.81 -5.45 20.49
C ASP C 147 -11.88 -5.70 21.55
N GLN C 148 -11.55 -5.57 22.83
CA GLN C 148 -12.51 -5.75 23.91
C GLN C 148 -12.99 -4.43 24.49
N LYS C 149 -12.56 -3.31 23.91
CA LYS C 149 -12.93 -1.99 24.40
C LYS C 149 -14.44 -1.89 24.61
N GLN C 150 -15.21 -2.07 23.53
CA GLN C 150 -16.65 -1.87 23.65
C GLN C 150 -17.29 -2.93 24.54
N HIS C 151 -16.69 -4.12 24.63
CA HIS C 151 -17.22 -5.15 25.53
C HIS C 151 -17.10 -4.72 26.99
N ILE C 152 -15.92 -4.25 27.40
CA ILE C 152 -15.73 -3.82 28.77
C ILE C 152 -16.51 -2.55 29.03
N GLU C 153 -16.75 -1.75 27.99
CA GLU C 153 -17.61 -0.58 28.14
C GLU C 153 -19.04 -0.99 28.47
N LEU C 154 -19.56 -2.02 27.78
CA LEU C 154 -20.88 -2.52 28.08
C LEU C 154 -20.94 -3.06 29.52
N THR C 155 -19.88 -3.74 29.95
CA THR C 155 -19.82 -4.24 31.33
C THR C 155 -19.84 -3.08 32.33
N ARG C 156 -19.15 -1.98 32.02
CA ARG C 156 -19.18 -0.83 32.92
C ARG C 156 -20.56 -0.17 32.92
N ASN C 157 -21.20 -0.07 31.75
CA ASN C 157 -22.52 0.56 31.69
C ASN C 157 -23.60 -0.29 32.35
N LEU C 158 -23.46 -1.61 32.31
CA LEU C 158 -24.42 -2.46 33.00
C LEU C 158 -24.21 -2.38 34.52
N VAL C 159 -22.96 -2.26 34.96
CA VAL C 159 -22.67 -2.08 36.39
C VAL C 159 -23.28 -0.76 36.89
N ASP C 160 -23.08 0.32 36.12
CA ASP C 160 -23.66 1.61 36.49
C ASP C 160 -25.19 1.57 36.45
N ARG C 161 -25.75 0.93 35.40
CA ARG C 161 -27.20 0.79 35.30
C ARG C 161 -27.75 -0.05 36.45
N PHE C 162 -27.07 -1.15 36.78
CA PHE C 162 -27.52 -2.01 37.88
C PHE C 162 -27.44 -1.28 39.22
N ASN C 163 -26.28 -0.68 39.52
CA ASN C 163 -26.06 -0.06 40.83
C ASN C 163 -27.07 1.05 41.09
N SER C 164 -27.37 1.86 40.07
CA SER C 164 -28.31 2.97 40.24
C SER C 164 -29.76 2.51 40.35
N ARG C 165 -30.11 1.37 39.74
CA ARG C 165 -31.51 0.97 39.75
C ARG C 165 -31.89 0.20 41.01
N TYR C 166 -31.01 -0.65 41.54
CA TYR C 166 -31.34 -1.46 42.70
C TYR C 166 -30.53 -1.08 43.93
N ASN C 167 -29.23 -1.36 43.89
CA ASN C 167 -28.31 -1.04 45.01
C ASN C 167 -26.87 -1.27 44.54
N ASP C 168 -25.90 -0.67 45.25
CA ASP C 168 -24.49 -0.73 44.79
C ASP C 168 -23.82 -1.99 45.31
N VAL C 169 -23.72 -3.02 44.46
CA VAL C 169 -23.14 -4.31 44.87
C VAL C 169 -22.08 -4.70 43.84
N LEU C 170 -22.12 -4.04 42.68
CA LEU C 170 -21.22 -4.44 41.57
C LEU C 170 -20.04 -3.45 41.43
N VAL C 171 -18.87 -3.98 41.08
CA VAL C 171 -17.64 -3.17 40.92
C VAL C 171 -17.38 -2.94 39.43
N LYS C 172 -17.16 -1.69 39.05
CA LYS C 172 -16.77 -1.40 37.67
C LYS C 172 -15.36 -1.93 37.44
N PRO C 173 -15.12 -2.67 36.36
CA PRO C 173 -13.74 -3.07 36.03
C PRO C 173 -13.10 -2.10 35.03
N GLU C 174 -11.81 -2.31 34.80
CA GLU C 174 -11.05 -1.54 33.83
C GLU C 174 -10.07 -2.47 33.12
N ILE C 175 -9.59 -2.00 31.98
CA ILE C 175 -8.58 -2.73 31.21
C ILE C 175 -7.20 -2.31 31.71
N ARG C 176 -6.41 -3.29 32.13
CA ARG C 176 -5.06 -3.05 32.61
C ARG C 176 -4.36 -4.38 32.79
N MET C 177 -3.08 -4.41 32.43
CA MET C 177 -2.27 -5.60 32.67
C MET C 177 -1.15 -5.23 33.64
N PRO C 178 -1.04 -5.91 34.79
CA PRO C 178 -0.14 -5.45 35.86
C PRO C 178 1.29 -5.18 35.41
N LYS C 179 1.99 -6.17 34.86
CA LYS C 179 3.38 -6.00 34.45
C LYS C 179 3.52 -6.51 33.03
N VAL C 180 3.25 -5.62 32.06
CA VAL C 180 3.32 -6.04 30.65
C VAL C 180 4.71 -6.59 30.36
N GLY C 181 4.75 -7.76 29.70
CA GLY C 181 5.99 -8.32 29.21
C GLY C 181 6.39 -7.69 27.89
N GLY C 182 7.45 -8.24 27.29
CA GLY C 182 7.87 -7.78 25.99
C GLY C 182 6.77 -7.94 24.96
N ARG C 183 6.72 -7.02 24.00
CA ARG C 183 5.79 -7.06 22.88
C ARG C 183 6.41 -7.91 21.76
N VAL C 184 5.66 -8.89 21.28
CA VAL C 184 6.10 -9.81 20.24
C VAL C 184 5.26 -9.60 19.00
N MET C 185 5.91 -9.51 17.83
CA MET C 185 5.25 -9.17 16.59
C MET C 185 5.19 -10.36 15.66
N SER C 186 4.28 -10.27 14.69
CA SER C 186 4.13 -11.31 13.67
C SER C 186 5.45 -11.51 12.93
N LEU C 187 5.85 -12.78 12.80
CA LEU C 187 7.19 -13.10 12.31
C LEU C 187 7.38 -12.70 10.85
N GLN C 188 6.31 -12.69 10.06
CA GLN C 188 6.40 -12.34 8.62
C GLN C 188 5.67 -11.00 8.37
N ASP C 189 5.29 -10.30 9.44
CA ASP C 189 4.68 -8.94 9.34
C ASP C 189 5.02 -8.28 10.67
N PRO C 190 6.25 -7.75 10.88
CA PRO C 190 6.73 -7.26 12.21
C PRO C 190 6.11 -5.95 12.71
N THR C 191 5.20 -5.33 11.95
CA THR C 191 4.51 -4.10 12.39
C THR C 191 3.16 -4.45 12.98
N ARG C 192 2.83 -5.73 13.02
CA ARG C 192 1.55 -6.18 13.62
C ARG C 192 1.86 -7.17 14.75
N LYS C 193 1.12 -7.08 15.85
CA LYS C 193 1.41 -7.97 16.97
C LYS C 193 1.05 -9.42 16.61
N MET C 194 1.82 -10.35 17.16
CA MET C 194 1.59 -11.77 16.88
C MET C 194 0.22 -12.24 17.38
N SER C 195 -0.52 -12.95 16.53
CA SER C 195 -1.89 -13.35 16.87
C SER C 195 -2.06 -14.86 16.68
N LYS C 196 -2.68 -15.52 17.66
CA LYS C 196 -2.84 -16.98 17.58
C LYS C 196 -3.80 -17.42 16.47
N SER C 197 -4.59 -16.52 15.89
CA SER C 197 -5.60 -16.88 14.91
C SER C 197 -5.25 -16.41 13.51
N ASP C 198 -3.97 -16.13 13.25
CA ASP C 198 -3.56 -15.64 11.94
C ASP C 198 -3.72 -16.71 10.88
N ASP C 199 -4.20 -16.30 9.71
CA ASP C 199 -4.31 -17.21 8.57
C ASP C 199 -2.95 -17.66 8.05
N ASN C 200 -1.90 -16.86 8.27
CA ASN C 200 -0.53 -17.21 7.91
C ASN C 200 0.10 -17.79 9.17
N ALA C 201 0.08 -19.11 9.28
CA ALA C 201 0.61 -19.73 10.49
C ALA C 201 2.10 -19.45 10.68
N LYS C 202 2.83 -19.07 9.63
CA LYS C 202 4.23 -18.71 9.83
C LYS C 202 4.39 -17.40 10.59
N ASN C 203 3.32 -16.65 10.86
CA ASN C 203 3.45 -15.42 11.64
C ASN C 203 3.62 -15.69 13.13
N PHE C 204 3.30 -16.90 13.59
CA PHE C 204 3.28 -17.15 15.02
C PHE C 204 3.94 -18.49 15.33
N ILE C 205 4.49 -18.58 16.53
CA ILE C 205 4.99 -19.84 17.06
C ILE C 205 4.05 -20.25 18.17
N SER C 206 3.44 -21.42 18.01
CA SER C 206 2.45 -21.90 18.94
C SER C 206 3.12 -22.71 20.04
N LEU C 207 2.63 -22.60 21.27
CA LEU C 207 3.21 -23.37 22.36
C LEU C 207 3.06 -24.87 22.15
N LEU C 208 2.18 -25.29 21.26
CA LEU C 208 2.08 -26.71 20.90
C LEU C 208 2.62 -26.98 19.51
N ASP C 209 3.24 -26.00 18.87
CA ASP C 209 3.95 -26.25 17.62
C ASP C 209 5.07 -27.26 17.81
N GLU C 210 5.23 -28.12 16.83
CA GLU C 210 6.31 -29.10 16.84
C GLU C 210 7.67 -28.38 16.93
N PRO C 211 8.56 -28.80 17.83
CA PRO C 211 9.79 -28.01 18.07
C PRO C 211 10.62 -27.70 16.82
N ASN C 212 10.78 -28.65 15.90
CA ASN C 212 11.49 -28.35 14.66
C ASN C 212 10.69 -27.41 13.75
N VAL C 213 9.35 -27.51 13.74
CA VAL C 213 8.54 -26.58 12.95
C VAL C 213 8.73 -25.15 13.46
N ALA C 214 8.70 -24.96 14.78
CA ALA C 214 8.93 -23.63 15.33
C ALA C 214 10.31 -23.11 14.97
N ALA C 215 11.32 -23.98 15.02
CA ALA C 215 12.67 -23.60 14.60
C ALA C 215 12.65 -23.05 13.18
N LYS C 216 12.04 -23.79 12.24
CA LYS C 216 11.93 -23.33 10.85
C LYS C 216 11.25 -21.97 10.76
N LYS C 217 10.29 -21.69 11.64
CA LYS C 217 9.62 -20.40 11.59
C LYS C 217 10.50 -19.25 12.04
N ILE C 218 11.42 -19.48 12.98
CA ILE C 218 12.40 -18.45 13.29
C ILE C 218 13.22 -18.14 12.04
N LYS C 219 13.58 -19.18 11.29
CA LYS C 219 14.43 -18.98 10.12
C LYS C 219 13.67 -18.35 8.94
N SER C 220 12.35 -18.54 8.85
CA SER C 220 11.63 -17.93 7.74
C SER C 220 11.05 -16.56 8.11
N ALA C 221 11.42 -15.99 9.26
CA ALA C 221 10.96 -14.66 9.62
C ALA C 221 11.56 -13.60 8.69
N VAL C 222 10.76 -12.60 8.37
CA VAL C 222 11.10 -11.65 7.31
C VAL C 222 12.05 -10.61 7.89
N THR C 223 13.31 -10.66 7.44
CA THR C 223 14.34 -9.68 7.76
C THR C 223 15.12 -9.33 6.49
N ASP C 224 16.06 -8.38 6.62
CA ASP C 224 17.05 -8.20 5.57
C ASP C 224 17.93 -9.44 5.45
N SER C 225 18.57 -9.58 4.30
CA SER C 225 19.45 -10.72 4.08
C SER C 225 20.56 -10.79 5.14
N ASP C 226 21.05 -9.65 5.60
CA ASP C 226 22.06 -9.64 6.65
C ASP C 226 22.16 -8.27 7.27
N GLY C 227 22.83 -8.21 8.42
CA GLY C 227 22.92 -6.97 9.17
C GLY C 227 23.56 -7.23 10.53
N ILE C 228 23.56 -6.15 11.35
CA ILE C 228 24.08 -6.12 12.72
C ILE C 228 23.02 -6.61 13.70
N ILE C 229 23.43 -7.25 14.79
CA ILE C 229 22.48 -7.64 15.85
C ILE C 229 22.36 -6.45 16.80
N LYS C 230 21.54 -5.49 16.39
CA LYS C 230 21.26 -4.27 17.15
C LYS C 230 19.75 -4.09 17.29
N PHE C 231 19.31 -3.58 18.43
CA PHE C 231 17.90 -3.30 18.67
C PHE C 231 17.53 -1.96 18.04
N ASP C 232 16.68 -1.99 17.01
CA ASP C 232 16.31 -0.82 16.22
C ASP C 232 14.91 -1.06 15.65
N ARG C 233 13.89 -0.58 16.36
CA ARG C 233 12.53 -0.97 16.00
C ARG C 233 12.07 -0.32 14.70
N ASP C 234 12.40 0.97 14.50
CA ASP C 234 11.86 1.71 13.36
C ASP C 234 12.56 1.35 12.04
N ASN C 235 13.86 1.05 12.06
CA ASN C 235 14.60 0.81 10.82
C ASN C 235 14.84 -0.65 10.51
N LYS C 236 14.92 -1.55 11.50
CA LYS C 236 15.04 -2.99 11.28
C LYS C 236 14.03 -3.73 12.14
N PRO C 237 12.72 -3.56 11.86
CA PRO C 237 11.70 -4.19 12.72
C PRO C 237 11.80 -5.71 12.80
N GLY C 238 12.21 -6.38 11.73
CA GLY C 238 12.35 -7.83 11.74
C GLY C 238 13.37 -8.38 12.73
N ILE C 239 14.66 -8.07 12.55
CA ILE C 239 15.70 -8.59 13.46
C ILE C 239 15.45 -8.15 14.90
N THR C 240 14.93 -6.94 15.09
CA THR C 240 14.59 -6.43 16.42
C THR C 240 13.56 -7.33 17.10
N ASN C 241 12.49 -7.71 16.37
CA ASN C 241 11.49 -8.64 16.89
C ASN C 241 12.14 -9.95 17.35
N LEU C 242 13.00 -10.52 16.51
CA LEU C 242 13.76 -11.70 16.91
C LEU C 242 14.60 -11.42 18.16
N ILE C 243 15.11 -10.20 18.34
CA ILE C 243 15.87 -9.93 19.56
C ILE C 243 14.94 -9.93 20.77
N SER C 244 13.72 -9.41 20.59
CA SER C 244 12.73 -9.44 21.67
C SER C 244 12.38 -10.87 22.07
N ILE C 245 12.12 -11.74 21.10
CA ILE C 245 11.83 -13.13 21.43
C ILE C 245 12.99 -13.76 22.20
N TYR C 246 14.23 -13.51 21.73
CA TYR C 246 15.41 -14.00 22.45
C TYR C 246 15.41 -13.53 23.90
N ALA C 247 15.25 -12.22 24.12
CA ALA C 247 15.17 -11.70 25.50
C ALA C 247 14.08 -12.40 26.31
N GLY C 248 12.88 -12.56 25.73
CA GLY C 248 11.74 -13.04 26.49
C GLY C 248 11.87 -14.50 26.91
N LEU C 249 12.48 -15.34 26.05
CA LEU C 249 12.70 -16.74 26.38
C LEU C 249 13.95 -17.01 27.23
N THR C 250 14.92 -16.10 27.26
CA THR C 250 16.13 -16.35 28.05
C THR C 250 16.31 -15.43 29.26
N ASP C 251 15.56 -14.32 29.34
CA ASP C 251 15.67 -13.28 30.35
C ASP C 251 17.03 -12.57 30.31
N MET C 252 17.81 -13.06 29.35
CA MET C 252 19.13 -12.48 29.10
C MET C 252 18.85 -11.05 28.70
N PRO C 253 19.43 -10.12 29.44
CA PRO C 253 19.30 -8.72 29.11
C PRO C 253 19.63 -8.45 27.63
N ILE C 254 18.94 -7.49 27.00
CA ILE C 254 19.16 -7.09 25.57
C ILE C 254 20.58 -6.54 25.34
N LYS C 255 21.00 -5.54 26.11
CA LYS C 255 22.36 -5.00 25.96
C LYS C 255 23.31 -6.19 25.97
N ASP C 256 23.03 -7.14 26.85
CA ASP C 256 23.85 -8.36 26.87
C ASP C 256 23.72 -9.16 25.59
N ILE C 257 22.54 -9.14 24.94
CA ILE C 257 22.36 -9.83 23.66
C ILE C 257 23.21 -9.19 22.57
N GLU C 258 23.14 -7.87 22.43
CA GLU C 258 23.94 -7.21 21.42
C GLU C 258 25.42 -7.46 21.68
N ALA C 259 25.85 -7.33 22.95
CA ALA C 259 27.24 -7.60 23.29
C ALA C 259 27.62 -9.03 22.94
N LYS C 260 26.73 -9.99 23.21
CA LYS C 260 27.01 -11.39 22.88
C LYS C 260 27.16 -11.63 21.39
N TYR C 261 26.58 -10.78 20.54
CA TYR C 261 26.60 -11.00 19.09
C TYR C 261 27.39 -9.92 18.35
N GLU C 262 28.24 -9.19 19.06
CA GLU C 262 29.10 -8.19 18.41
C GLU C 262 30.02 -8.86 17.40
N GLY C 263 30.14 -8.23 16.23
CA GLY C 263 30.91 -8.83 15.15
C GLY C 263 30.28 -10.03 14.50
N GLU C 264 29.00 -10.27 14.74
CA GLU C 264 28.33 -11.45 14.23
C GLU C 264 27.10 -11.05 13.43
N GLY C 265 26.69 -11.94 12.53
CA GLY C 265 25.62 -11.69 11.58
C GLY C 265 24.32 -12.45 11.84
N TYR C 266 23.36 -12.19 10.93
CA TYR C 266 22.00 -12.73 11.09
C TYR C 266 22.01 -14.26 11.09
N GLY C 267 22.83 -14.87 10.24
CA GLY C 267 22.85 -16.31 10.18
C GLY C 267 23.22 -16.95 11.51
N LYS C 268 24.28 -16.44 12.14
CA LYS C 268 24.71 -16.98 13.44
C LYS C 268 23.65 -16.72 14.50
N PHE C 269 23.11 -15.50 14.55
CA PHE C 269 22.09 -15.16 15.53
C PHE C 269 20.83 -16.02 15.38
N LYS C 270 20.25 -16.09 14.17
CA LYS C 270 19.01 -16.86 14.01
C LYS C 270 19.25 -18.34 14.25
N GLY C 271 20.47 -18.82 14.00
CA GLY C 271 20.80 -20.21 14.29
C GLY C 271 20.71 -20.52 15.77
N ASP C 272 21.23 -19.62 16.61
CA ASP C 272 21.14 -19.79 18.06
C ASP C 272 19.69 -19.66 18.54
N LEU C 273 19.00 -18.60 18.11
CA LEU C 273 17.61 -18.38 18.51
C LEU C 273 16.72 -19.57 18.19
N ALA C 274 16.94 -20.20 17.04
CA ALA C 274 16.13 -21.36 16.66
C ALA C 274 16.34 -22.51 17.63
N GLU C 275 17.58 -22.67 18.10
CA GLU C 275 17.90 -23.71 19.08
C GLU C 275 17.37 -23.36 20.46
N ILE C 276 17.37 -22.07 20.82
CA ILE C 276 16.71 -21.66 22.04
C ILE C 276 15.21 -21.94 21.95
N VAL C 277 14.59 -21.58 20.82
CA VAL C 277 13.15 -21.81 20.71
C VAL C 277 12.86 -23.28 20.82
N LYS C 278 13.68 -24.11 20.16
CA LYS C 278 13.41 -25.54 20.12
C LYS C 278 13.56 -26.17 21.51
N ALA C 279 14.62 -25.80 22.24
CA ALA C 279 14.84 -26.36 23.57
C ALA C 279 13.72 -25.94 24.53
N PHE C 280 13.28 -24.69 24.43
CA PHE C 280 12.18 -24.23 25.25
C PHE C 280 10.92 -25.04 25.01
N LEU C 281 10.56 -25.23 23.74
CA LEU C 281 9.33 -25.95 23.43
C LEU C 281 9.43 -27.42 23.81
N VAL C 282 10.61 -28.02 23.67
CA VAL C 282 10.77 -29.39 24.12
C VAL C 282 10.46 -29.48 25.62
N GLU C 283 10.96 -28.53 26.39
CA GLU C 283 10.76 -28.58 27.83
C GLU C 283 9.34 -28.23 28.20
N PHE C 284 8.82 -27.13 27.65
CA PHE C 284 7.43 -26.74 27.89
C PHE C 284 6.48 -27.89 27.61
N GLN C 285 6.70 -28.61 26.52
CA GLN C 285 5.74 -29.62 26.14
C GLN C 285 5.89 -30.90 26.95
N GLU C 286 7.07 -31.14 27.53
CA GLU C 286 7.20 -32.23 28.51
C GLU C 286 6.40 -31.92 29.77
N LYS C 287 6.47 -30.68 30.24
CA LYS C 287 5.64 -30.30 31.40
C LYS C 287 4.15 -30.42 31.01
N TYR C 288 3.79 -29.88 29.85
CA TYR C 288 2.40 -29.94 29.43
C TYR C 288 1.89 -31.37 29.40
N GLU C 289 2.68 -32.32 28.89
CA GLU C 289 2.23 -33.70 28.80
C GLU C 289 1.99 -34.32 30.18
N SER C 290 2.83 -33.99 31.16
CA SER C 290 2.67 -34.60 32.47
C SER C 290 1.39 -34.12 33.16
N PHE C 291 0.95 -32.88 32.89
CA PHE C 291 -0.35 -32.46 33.38
C PHE C 291 -1.49 -33.06 32.54
N TYR C 292 -1.38 -32.97 31.21
CA TYR C 292 -2.50 -33.30 30.33
C TYR C 292 -2.86 -34.78 30.39
N ASN C 293 -1.87 -35.67 30.60
CA ASN C 293 -2.14 -37.10 30.52
C ASN C 293 -2.20 -37.78 31.89
N SER C 294 -2.31 -37.01 32.97
CA SER C 294 -2.29 -37.53 34.32
C SER C 294 -3.56 -37.14 35.06
N ASP C 295 -3.99 -38.02 35.98
CA ASP C 295 -5.19 -37.78 36.77
C ASP C 295 -5.10 -36.55 37.68
N LYS C 296 -3.90 -36.00 37.90
CA LYS C 296 -3.80 -34.80 38.73
C LYS C 296 -4.50 -33.60 38.09
N LEU C 297 -4.64 -33.61 36.77
CA LEU C 297 -5.35 -32.52 36.09
C LEU C 297 -6.76 -32.36 36.63
N ASP C 298 -7.46 -33.47 36.85
CA ASP C 298 -8.84 -33.37 37.29
C ASP C 298 -8.94 -32.84 38.70
N ASP C 299 -7.95 -33.15 39.54
CA ASP C 299 -8.01 -32.72 40.96
C ASP C 299 -7.79 -31.21 41.04
N ILE C 300 -6.86 -30.69 40.25
CA ILE C 300 -6.57 -29.23 40.26
C ILE C 300 -7.84 -28.48 39.84
N LEU C 301 -8.50 -28.92 38.78
CA LEU C 301 -9.70 -28.20 38.27
C LEU C 301 -10.82 -28.30 39.32
N ASP C 302 -11.01 -29.46 39.93
CA ASP C 302 -11.98 -29.54 41.01
C ASP C 302 -11.70 -28.47 42.05
N GLN C 303 -10.42 -28.28 42.41
CA GLN C 303 -10.03 -27.31 43.42
C GLN C 303 -10.37 -25.90 42.98
N GLY C 304 -10.05 -25.54 41.74
CA GLY C 304 -10.39 -24.20 41.29
C GLY C 304 -11.88 -23.97 41.18
N ARG C 305 -12.64 -25.03 40.84
CA ARG C 305 -14.08 -24.88 40.78
C ARG C 305 -14.66 -24.57 42.17
N ASP C 306 -14.16 -25.24 43.21
CA ASP C 306 -14.64 -24.95 44.55
C ASP C 306 -14.30 -23.53 44.98
N LYS C 307 -13.09 -23.07 44.69
CA LYS C 307 -12.71 -21.70 45.05
C LYS C 307 -13.61 -20.69 44.36
N ALA C 308 -13.76 -20.84 43.03
CA ALA C 308 -14.59 -19.88 42.28
C ALA C 308 -16.04 -19.90 42.78
N HIS C 309 -16.57 -21.09 43.08
CA HIS C 309 -17.96 -21.20 43.53
C HIS C 309 -18.19 -20.43 44.83
N LYS C 310 -17.22 -20.49 45.75
CA LYS C 310 -17.36 -19.83 47.04
C LYS C 310 -17.52 -18.32 46.88
N VAL C 311 -16.74 -17.70 46.01
CA VAL C 311 -16.83 -16.25 45.83
C VAL C 311 -18.04 -15.86 44.98
N SER C 312 -18.23 -16.52 43.82
CA SER C 312 -19.31 -16.14 42.90
C SER C 312 -20.69 -16.36 43.50
N PHE C 313 -20.83 -17.36 44.37
CA PHE C 313 -22.10 -17.59 45.04
C PHE C 313 -22.50 -16.40 45.91
N LYS C 314 -21.54 -15.79 46.61
CA LYS C 314 -21.90 -14.66 47.48
C LYS C 314 -22.33 -13.45 46.66
N THR C 315 -21.65 -13.21 45.53
CA THR C 315 -22.04 -12.09 44.67
C THR C 315 -23.44 -12.32 44.08
N VAL C 316 -23.75 -13.55 43.70
CA VAL C 316 -25.04 -13.79 43.04
C VAL C 316 -26.18 -13.62 44.04
N LYS C 317 -25.99 -14.05 45.29
CA LYS C 317 -27.03 -13.89 46.32
C LYS C 317 -27.29 -12.43 46.64
N LYS C 318 -26.25 -11.61 46.67
CA LYS C 318 -26.46 -10.16 46.81
C LYS C 318 -27.25 -9.61 45.63
N MET C 319 -26.99 -10.12 44.42
CA MET C 319 -27.68 -9.59 43.22
C MET C 319 -29.15 -10.03 43.28
N GLU C 320 -29.39 -11.24 43.76
CA GLU C 320 -30.76 -11.74 43.83
C GLU C 320 -31.59 -10.93 44.84
N LYS C 321 -31.00 -10.63 46.01
CA LYS C 321 -31.69 -9.78 46.98
C LYS C 321 -31.95 -8.40 46.40
N ALA C 322 -31.02 -7.91 45.58
CA ALA C 322 -31.16 -6.59 44.97
C ALA C 322 -32.39 -6.49 44.07
N MET C 323 -32.70 -7.55 43.33
CA MET C 323 -33.82 -7.46 42.40
C MET C 323 -35.09 -8.11 42.92
N GLY C 324 -35.03 -8.76 44.08
CA GLY C 324 -36.20 -9.37 44.65
C GLY C 324 -36.44 -10.80 44.22
N LEU C 325 -35.47 -11.44 43.59
CA LEU C 325 -35.56 -12.85 43.24
C LEU C 325 -35.49 -13.70 44.50
N GLY C 326 -35.82 -14.97 44.34
CA GLY C 326 -35.69 -15.92 45.42
C GLY C 326 -36.57 -15.54 46.60
N ARG C 327 -36.05 -15.77 47.79
CA ARG C 327 -36.76 -15.40 48.99
C ARG C 327 -35.73 -15.13 50.10
N LYS C 328 -36.21 -14.59 51.21
CA LYS C 328 -35.34 -14.15 52.29
C LYS C 328 -35.31 -15.23 53.36
N ARG C 329 -34.10 -15.74 53.65
CA ARG C 329 -33.88 -16.75 54.67
C ARG C 329 -34.08 -16.17 56.07
#